data_4MGZ
#
_entry.id   4MGZ
#
_cell.length_a   125.228
_cell.length_b   147.088
_cell.length_c   226.740
_cell.angle_alpha   90.00
_cell.angle_beta   90.00
_cell.angle_gamma   90.00
#
_symmetry.space_group_name_H-M   'I 21 21 21'
#
loop_
_entity.id
_entity.type
_entity.pdbx_description
1 polymer 'Rap guanine nucleotide exchange factor 4'
2 polymer 'Ras-related protein Rap-1b'
3 non-polymer '(2S,4aR,6R,7R,7aS)-6-[6-amino-8-(benzylsulfanyl)-9H-purin-9-yl]-2-sulfanyltetrahydro-4H-furo[3,2-d][1,3,2]dioxaphosphinin-7-ol 2-oxide'
4 non-polymer 'SULFATE ION'
5 water water
#
loop_
_entity_poly.entity_id
_entity_poly.type
_entity_poly.pdbx_seq_one_letter_code
_entity_poly.pdbx_strand_id
1 'polypeptide(L)'
;GSPESFPDAHMRMILRKPPGQRTVDDLEIIYDELLHIKALSHLSTTVKRELAGVLIFESHAKGGTVLFNQGEEGTSWYII
LKGSVNVVIYGKGVVCTLHEGDDFGKLALVNDAPRAASIVLREDNCHFLRVDKEDFNRILRDVEANTVRLKEHDQDVLVL
EKVPAGNRAANQGNSQPQQKYTVMSGTPEKILEHFLETIRLEPSLNEATDSVLNDFVMMHCVFMPNTQLCPALVAHYHAQ
PSQGTEQERMDYALNNKRRVIRLVLQWAAMYGDLLQEDDVAMAFLEEFYVSVSDDARMMAAFKEQLPELEKIVKQISEDA
KAPQKKHKVLLQQFNTGDERAQKRQPIRGSDEVLFKVYCIDHTYTTIRVPVAASVKEVISAVADKLGSGEGLIIVKMNSG
GEKVVLKSNDVSVFTTLTINGRLFACPREQFDSLTPLPEQEGPTTGTVGTFELMSSKDLAYQMTTYDWELFNCVHELELI
YHTFGRHNFKKTTANLDLFLRRFNEIQFWVVTEVCLCSQLSKRVQLLKKFIKIAAHCKEYKNLNSFFAIVMGLSNVAVSR
LALTWEKLPSKFKKFYAEFESLMDPSRNHRAYRLTAAKLEPPLIPFMPLLIKDMTFTHEGNKTFIDNLVNFEKMRMIANT
ARTVRYYRSQPFNPDAAQANKNHQDVRSYVRQLNVIDNQRTLSQMSHRLEPRRP
;
E
2 'polypeptide(L)'
;MREYKLVVLGSGGVGKSALTVQFVQGIFVEKYDPTIEDSYRKQVEVDAQQCMLEILDTAGTEQFTAMRDLYMKNGQGFAL
VYSITAQSTFNDLQDLREQILRVKDTDDVPMILVGNKCDLEDERVVGKEQGQNLARQWNNCAFLESSAKSKINVNEIFYD
LVRQINR
;
R
#
# COMPACT_ATOMS: atom_id res chain seq x y z
N HIS A 10 45.40 3.79 -39.64
CA HIS A 10 44.45 3.74 -40.79
C HIS A 10 43.01 3.60 -40.31
N MET A 11 42.77 2.62 -39.45
CA MET A 11 41.47 2.39 -38.81
C MET A 11 40.95 3.66 -38.13
N ARG A 12 41.85 4.39 -37.47
CA ARG A 12 41.56 5.69 -36.85
C ARG A 12 40.85 6.62 -37.84
N MET A 13 41.46 6.80 -39.01
CA MET A 13 40.97 7.71 -40.06
C MET A 13 39.62 7.28 -40.62
N ILE A 14 39.47 5.98 -40.84
CA ILE A 14 38.22 5.39 -41.33
C ILE A 14 37.09 5.67 -40.34
N LEU A 15 37.36 5.41 -39.06
CA LEU A 15 36.39 5.62 -37.98
C LEU A 15 36.17 7.09 -37.64
N ARG A 16 36.97 7.97 -38.23
CA ARG A 16 36.85 9.41 -38.00
C ARG A 16 36.08 10.12 -39.13
N LYS A 17 35.90 9.41 -40.26
CA LYS A 17 35.08 9.88 -41.38
C LYS A 17 33.60 9.95 -41.01
N PRO A 18 32.88 10.98 -41.52
CA PRO A 18 31.44 11.08 -41.32
C PRO A 18 30.68 9.85 -41.82
N PRO A 19 29.55 9.50 -41.16
CA PRO A 19 28.71 8.35 -41.51
C PRO A 19 28.44 8.17 -43.01
N GLY A 20 28.06 9.26 -43.70
CA GLY A 20 27.73 9.19 -45.13
C GLY A 20 28.90 9.40 -46.07
N GLN A 21 30.12 9.15 -45.58
CA GLN A 21 31.33 9.34 -46.39
C GLN A 21 32.21 8.09 -46.34
N ARG A 22 31.72 7.06 -45.66
CA ARG A 22 32.44 5.80 -45.54
C ARG A 22 32.14 4.89 -46.73
N THR A 23 33.21 4.32 -47.30
CA THR A 23 33.10 3.44 -48.46
C THR A 23 32.56 2.07 -48.08
N VAL A 24 32.20 1.26 -49.09
CA VAL A 24 31.75 -0.12 -48.87
C VAL A 24 32.85 -0.98 -48.26
N ASP A 25 34.11 -0.63 -48.57
CA ASP A 25 35.23 -1.38 -48.04
C ASP A 25 35.71 -0.82 -46.70
N ASP A 26 35.36 0.44 -46.42
CA ASP A 26 35.55 1.03 -45.09
C ASP A 26 34.63 0.32 -44.10
N LEU A 27 33.34 0.30 -44.44
CA LEU A 27 32.28 -0.35 -43.67
C LEU A 27 32.56 -1.83 -43.40
N GLU A 28 33.20 -2.48 -44.36
CA GLU A 28 33.47 -3.91 -44.27
C GLU A 28 34.61 -4.21 -43.30
N ILE A 29 35.58 -3.30 -43.23
CA ILE A 29 36.73 -3.43 -42.31
C ILE A 29 36.35 -3.10 -40.87
N ILE A 30 35.49 -2.08 -40.69
CA ILE A 30 35.01 -1.68 -39.37
C ILE A 30 34.24 -2.82 -38.70
N TYR A 31 33.29 -3.41 -39.44
CA TYR A 31 32.48 -4.52 -38.95
C TYR A 31 33.29 -5.70 -38.43
N ASP A 32 34.37 -6.03 -39.13
CA ASP A 32 35.26 -7.14 -38.75
C ASP A 32 35.95 -6.87 -37.42
N GLU A 33 36.11 -5.59 -37.10
CA GLU A 33 36.72 -5.14 -35.83
C GLU A 33 35.71 -4.99 -34.70
N LEU A 34 34.45 -4.72 -35.05
CA LEU A 34 33.38 -4.56 -34.07
C LEU A 34 33.07 -5.88 -33.37
N LEU A 35 33.52 -6.98 -33.97
CA LEU A 35 33.27 -8.32 -33.44
C LEU A 35 34.17 -8.64 -32.24
N HIS A 36 35.24 -7.87 -32.08
CA HIS A 36 36.13 -8.02 -30.94
C HIS A 36 35.68 -7.20 -29.73
N ILE A 37 34.86 -6.18 -29.99
CA ILE A 37 34.42 -5.25 -28.94
C ILE A 37 33.40 -5.88 -27.99
N LYS A 38 33.75 -5.87 -26.70
CA LYS A 38 32.97 -6.48 -25.63
C LYS A 38 31.55 -5.91 -25.53
N ALA A 39 31.45 -4.58 -25.48
CA ALA A 39 30.18 -3.89 -25.25
C ALA A 39 29.09 -4.22 -26.29
N LEU A 40 29.52 -4.66 -27.46
CA LEU A 40 28.61 -4.88 -28.60
C LEU A 40 28.30 -6.36 -28.85
N SER A 41 28.83 -7.24 -28.00
CA SER A 41 28.70 -8.70 -28.18
C SER A 41 27.27 -9.22 -28.23
N HIS A 42 26.42 -8.66 -27.37
CA HIS A 42 25.02 -9.09 -27.24
C HIS A 42 24.10 -8.51 -28.34
N LEU A 43 24.70 -8.02 -29.42
CA LEU A 43 23.95 -7.41 -30.53
C LEU A 43 23.97 -8.29 -31.77
N SER A 44 22.93 -8.13 -32.60
CA SER A 44 22.78 -8.89 -33.83
C SER A 44 23.69 -8.39 -34.95
N THR A 45 23.89 -9.24 -35.95
CA THR A 45 24.61 -8.89 -37.19
C THR A 45 24.00 -7.66 -37.85
N THR A 46 22.67 -7.64 -37.95
CA THR A 46 21.91 -6.53 -38.52
C THR A 46 22.30 -5.20 -37.85
N VAL A 47 22.38 -5.22 -36.52
CA VAL A 47 22.70 -4.02 -35.74
C VAL A 47 24.17 -3.62 -35.87
N LYS A 48 25.07 -4.59 -35.77
CA LYS A 48 26.51 -4.33 -35.88
C LYS A 48 26.90 -3.75 -37.24
N ARG A 49 26.20 -4.18 -38.29
CA ARG A 49 26.44 -3.66 -39.64
C ARG A 49 25.98 -2.21 -39.78
N GLU A 50 24.90 -1.85 -39.09
CA GLU A 50 24.42 -0.47 -39.07
C GLU A 50 25.35 0.44 -38.26
N LEU A 51 25.83 -0.08 -37.13
CA LEU A 51 26.75 0.67 -36.28
C LEU A 51 28.10 0.90 -36.96
N ALA A 52 28.46 0.01 -37.88
CA ALA A 52 29.69 0.13 -38.66
C ALA A 52 29.77 1.46 -39.40
N GLY A 53 28.63 1.94 -39.90
CA GLY A 53 28.56 3.20 -40.62
C GLY A 53 28.07 4.36 -39.78
N VAL A 54 28.32 4.29 -38.47
CA VAL A 54 27.80 5.29 -37.52
C VAL A 54 28.78 5.59 -36.37
N LEU A 55 29.53 4.58 -35.93
CA LEU A 55 30.49 4.72 -34.82
C LEU A 55 31.64 5.68 -35.12
N ILE A 56 31.78 6.71 -34.29
CA ILE A 56 32.81 7.74 -34.47
C ILE A 56 33.98 7.54 -33.50
N PHE A 57 35.20 7.60 -34.02
CA PHE A 57 36.41 7.47 -33.20
C PHE A 57 36.82 8.79 -32.57
N GLU A 58 36.87 8.80 -31.24
CA GLU A 58 37.22 9.98 -30.48
C GLU A 58 38.52 9.73 -29.72
N SER A 59 39.35 10.76 -29.63
CA SER A 59 40.59 10.68 -28.86
C SER A 59 40.88 11.97 -28.10
N HIS A 60 41.31 11.82 -26.86
CA HIS A 60 41.74 12.94 -26.03
C HIS A 60 43.07 12.58 -25.36
N ALA A 61 44.00 13.53 -25.36
CA ALA A 61 45.37 13.28 -24.90
C ALA A 61 45.59 13.47 -23.40
N LYS A 62 45.02 14.54 -22.84
CA LYS A 62 45.29 14.91 -21.44
C LYS A 62 44.20 14.45 -20.47
N GLY A 63 44.64 13.77 -19.40
CA GLY A 63 43.76 13.40 -18.28
C GLY A 63 43.20 14.64 -17.61
N GLY A 64 42.01 14.50 -17.05
CA GLY A 64 41.30 15.64 -16.48
C GLY A 64 40.42 16.37 -17.48
N THR A 65 40.48 15.95 -18.75
CA THR A 65 39.64 16.52 -19.80
C THR A 65 38.20 16.05 -19.62
N VAL A 66 37.28 17.01 -19.58
CA VAL A 66 35.85 16.74 -19.44
C VAL A 66 35.26 16.20 -20.74
N LEU A 67 34.61 15.04 -20.65
CA LEU A 67 33.91 14.47 -21.79
C LEU A 67 32.51 15.07 -21.89
N PHE A 68 31.78 15.06 -20.78
CA PHE A 68 30.56 15.85 -20.64
C PHE A 68 30.27 16.20 -19.18
N ASN A 69 29.42 17.21 -18.98
CA ASN A 69 29.10 17.70 -17.64
C ASN A 69 27.73 17.28 -17.14
N GLN A 70 27.63 17.09 -15.84
CA GLN A 70 26.38 16.86 -15.15
C GLN A 70 25.39 17.98 -15.44
N GLY A 71 24.13 17.61 -15.67
CA GLY A 71 23.07 18.59 -15.94
C GLY A 71 22.84 18.86 -17.41
N GLU A 72 23.86 18.63 -18.24
CA GLU A 72 23.76 18.82 -19.68
C GLU A 72 22.81 17.78 -20.28
N GLU A 73 22.22 18.12 -21.43
CA GLU A 73 21.40 17.16 -22.15
C GLU A 73 22.30 16.16 -22.88
N GLY A 74 21.94 14.88 -22.75
CA GLY A 74 22.73 13.78 -23.32
C GLY A 74 22.65 13.70 -24.83
N THR A 75 23.80 13.71 -25.47
CA THR A 75 23.87 13.72 -26.94
C THR A 75 24.63 12.53 -27.53
N SER A 76 25.28 11.73 -26.68
CA SER A 76 26.11 10.62 -27.16
C SER A 76 26.19 9.42 -26.22
N TRP A 77 26.45 8.25 -26.80
CA TRP A 77 26.74 7.03 -26.06
C TRP A 77 28.20 6.64 -26.32
N TYR A 78 28.93 6.26 -25.28
CA TYR A 78 30.37 6.04 -25.41
C TYR A 78 30.79 4.60 -25.09
N ILE A 79 31.88 4.16 -25.73
CA ILE A 79 32.55 2.91 -25.41
C ILE A 79 34.04 3.20 -25.26
N ILE A 80 34.64 2.74 -24.17
CA ILE A 80 36.05 3.00 -23.90
C ILE A 80 36.94 1.92 -24.54
N LEU A 81 37.82 2.35 -25.45
CA LEU A 81 38.76 1.45 -26.12
C LEU A 81 40.08 1.36 -25.36
N LYS A 82 40.61 2.53 -24.98
CA LYS A 82 41.85 2.63 -24.20
C LYS A 82 41.73 3.68 -23.12
N GLY A 83 42.24 3.36 -21.94
CA GLY A 83 42.27 4.29 -20.81
C GLY A 83 41.14 4.07 -19.82
N SER A 84 40.75 5.16 -19.15
CA SER A 84 39.73 5.10 -18.11
C SER A 84 39.19 6.50 -17.82
N VAL A 85 37.96 6.54 -17.32
CA VAL A 85 37.29 7.79 -16.97
C VAL A 85 36.68 7.75 -15.58
N ASN A 86 36.55 8.91 -14.97
CA ASN A 86 35.90 9.04 -13.66
C ASN A 86 34.47 9.53 -13.78
N VAL A 87 33.56 8.87 -13.06
CA VAL A 87 32.19 9.35 -12.92
C VAL A 87 32.17 10.31 -11.73
N VAL A 88 31.90 11.58 -12.01
CA VAL A 88 31.98 12.63 -10.99
C VAL A 88 30.62 13.29 -10.76
N ILE A 89 30.20 13.32 -9.49
CA ILE A 89 28.92 13.94 -9.11
C ILE A 89 29.16 15.07 -8.10
N TYR A 90 28.49 16.21 -8.30
CA TYR A 90 28.66 17.37 -7.44
C TYR A 90 28.32 17.06 -5.99
N GLY A 91 29.25 17.35 -5.09
CA GLY A 91 29.05 17.12 -3.66
C GLY A 91 29.39 15.73 -3.22
N LYS A 92 29.97 14.94 -4.13
CA LYS A 92 30.40 13.56 -3.82
C LYS A 92 31.74 13.21 -4.48
N GLY A 93 32.14 13.99 -5.48
CA GLY A 93 33.37 13.74 -6.21
C GLY A 93 33.36 12.46 -7.04
N VAL A 94 34.54 11.95 -7.36
CA VAL A 94 34.68 10.71 -8.13
C VAL A 94 33.95 9.57 -7.43
N VAL A 95 32.83 9.17 -8.02
CA VAL A 95 31.90 8.25 -7.39
C VAL A 95 32.16 6.81 -7.83
N CYS A 96 32.71 6.65 -9.03
CA CYS A 96 33.22 5.37 -9.54
C CYS A 96 34.07 5.59 -10.78
N THR A 97 34.77 4.55 -11.23
CA THR A 97 35.69 4.69 -12.35
C THR A 97 35.56 3.55 -13.36
N LEU A 98 35.29 3.94 -14.62
CA LEU A 98 35.09 3.00 -15.71
C LEU A 98 36.41 2.74 -16.45
N HIS A 99 36.58 1.52 -16.93
CA HIS A 99 37.82 1.09 -17.61
C HIS A 99 37.58 0.66 -19.06
N GLU A 100 38.66 0.27 -19.75
CA GLU A 100 38.58 -0.16 -21.15
C GLU A 100 37.73 -1.42 -21.30
N GLY A 101 36.70 -1.32 -22.14
CA GLY A 101 35.69 -2.36 -22.27
C GLY A 101 34.31 -1.86 -21.83
N ASP A 102 34.30 -0.94 -20.87
CA ASP A 102 33.06 -0.39 -20.32
C ASP A 102 32.41 0.64 -21.25
N ASP A 103 31.13 0.89 -21.03
CA ASP A 103 30.37 1.89 -21.79
C ASP A 103 29.59 2.80 -20.83
N PHE A 104 29.24 3.99 -21.30
CA PHE A 104 28.52 4.95 -20.47
C PHE A 104 27.69 5.95 -21.27
N GLY A 105 26.79 6.64 -20.57
CA GLY A 105 26.05 7.75 -21.16
C GLY A 105 24.75 7.36 -21.83
N LYS A 106 24.34 6.11 -21.66
CA LYS A 106 23.14 5.58 -22.27
C LYS A 106 21.86 6.13 -21.61
N LEU A 107 21.85 6.16 -20.28
CA LEU A 107 20.66 6.54 -19.52
C LEU A 107 20.04 7.89 -19.92
N ALA A 108 20.88 8.90 -20.15
CA ALA A 108 20.42 10.24 -20.54
C ALA A 108 19.79 10.26 -21.94
N LEU A 109 20.37 9.51 -22.87
CA LEU A 109 19.87 9.38 -24.24
C LEU A 109 18.47 8.78 -24.30
N VAL A 110 18.30 7.65 -23.61
CA VAL A 110 17.05 6.89 -23.67
C VAL A 110 15.92 7.60 -22.90
N ASN A 111 16.24 8.12 -21.72
CA ASN A 111 15.24 8.80 -20.90
C ASN A 111 15.04 10.28 -21.24
N ASP A 112 15.74 10.74 -22.27
CA ASP A 112 15.74 12.17 -22.65
C ASP A 112 15.82 13.04 -21.39
N ALA A 113 16.82 12.73 -20.57
CA ALA A 113 17.01 13.35 -19.26
C ALA A 113 18.40 13.98 -19.16
N PRO A 114 18.60 14.89 -18.20
CA PRO A 114 19.95 15.45 -18.00
C PRO A 114 20.97 14.38 -17.60
N ARG A 115 22.25 14.68 -17.77
CA ARG A 115 23.30 13.78 -17.31
C ARG A 115 23.34 13.77 -15.79
N ALA A 116 23.24 12.58 -15.21
CA ALA A 116 23.24 12.43 -13.76
C ALA A 116 24.62 12.68 -13.16
N ALA A 117 25.65 12.60 -14.01
CA ALA A 117 27.02 12.81 -13.57
C ALA A 117 27.89 13.41 -14.67
N SER A 118 29.15 13.68 -14.32
CA SER A 118 30.14 14.15 -15.28
C SER A 118 31.13 13.03 -15.56
N ILE A 119 31.59 12.96 -16.80
CA ILE A 119 32.62 12.00 -17.16
C ILE A 119 33.94 12.72 -17.45
N VAL A 120 34.96 12.39 -16.66
CA VAL A 120 36.26 13.04 -16.73
C VAL A 120 37.34 11.98 -16.96
N LEU A 121 38.22 12.26 -17.93
CA LEU A 121 39.35 11.36 -18.22
C LEU A 121 40.23 11.17 -16.99
N ARG A 122 40.46 9.91 -16.62
CA ARG A 122 41.29 9.60 -15.46
C ARG A 122 42.76 9.73 -15.82
N GLU A 123 43.16 9.04 -16.89
CA GLU A 123 44.55 9.01 -17.33
C GLU A 123 44.75 9.73 -18.66
N ASP A 124 46.01 9.84 -19.08
CA ASP A 124 46.37 10.43 -20.37
C ASP A 124 46.09 9.47 -21.52
N ASN A 125 45.87 10.04 -22.70
CA ASN A 125 45.68 9.29 -23.94
C ASN A 125 44.58 8.22 -23.85
N CYS A 126 43.33 8.67 -23.97
CA CYS A 126 42.18 7.78 -23.94
C CYS A 126 41.46 7.77 -25.29
N HIS A 127 41.09 6.58 -25.75
CA HIS A 127 40.38 6.41 -27.02
C HIS A 127 38.95 5.95 -26.81
N PHE A 128 38.02 6.61 -27.51
CA PHE A 128 36.59 6.33 -27.38
C PHE A 128 35.94 6.00 -28.72
N LEU A 129 34.89 5.19 -28.66
CA LEU A 129 33.93 5.04 -29.75
C LEU A 129 32.63 5.72 -29.33
N ARG A 130 32.03 6.48 -30.24
CA ARG A 130 30.87 7.28 -29.93
C ARG A 130 29.73 7.07 -30.92
N VAL A 131 28.50 7.09 -30.42
CA VAL A 131 27.30 7.06 -31.25
C VAL A 131 26.37 8.18 -30.80
N ASP A 132 26.06 9.09 -31.72
CA ASP A 132 25.23 10.26 -31.40
C ASP A 132 23.74 9.91 -31.29
N LYS A 133 22.96 10.83 -30.73
CA LYS A 133 21.58 10.53 -30.30
C LYS A 133 20.63 10.02 -31.37
N GLU A 134 20.53 10.73 -32.49
CA GLU A 134 19.60 10.31 -33.56
C GLU A 134 20.00 8.94 -34.14
N ASP A 135 21.30 8.71 -34.23
CA ASP A 135 21.84 7.42 -34.67
C ASP A 135 21.62 6.32 -33.64
N PHE A 136 21.79 6.66 -32.37
CA PHE A 136 21.55 5.72 -31.28
C PHE A 136 20.09 5.27 -31.23
N ASN A 137 19.17 6.23 -31.39
CA ASN A 137 17.74 5.97 -31.25
C ASN A 137 17.10 5.10 -32.32
N ARG A 138 17.54 5.26 -33.57
CA ARG A 138 16.99 4.43 -34.65
C ARG A 138 17.63 3.05 -34.73
N ILE A 139 18.87 2.92 -34.28
CA ILE A 139 19.61 1.66 -34.35
C ILE A 139 19.54 0.82 -33.07
N LEU A 140 19.80 1.46 -31.92
CA LEU A 140 20.06 0.73 -30.68
C LEU A 140 18.96 0.78 -29.61
N ARG A 141 18.13 1.82 -29.64
CA ARG A 141 17.16 2.10 -28.56
C ARG A 141 16.35 0.89 -28.08
N ASP A 142 15.80 0.13 -29.02
CA ASP A 142 14.98 -1.04 -28.67
C ASP A 142 15.68 -2.39 -28.88
N VAL A 143 17.00 -2.40 -28.66
CA VAL A 143 17.79 -3.62 -28.71
C VAL A 143 18.68 -3.71 -27.47
N GLU A 144 19.26 -2.57 -27.09
CA GLU A 144 20.04 -2.44 -25.86
C GLU A 144 19.12 -2.42 -24.64
N ALA A 145 18.77 -3.61 -24.15
CA ALA A 145 17.90 -3.76 -22.98
C ALA A 145 18.71 -3.82 -21.67
N ASN A 146 20.04 -3.83 -21.81
CA ASN A 146 20.96 -3.83 -20.66
C ASN A 146 20.48 -2.97 -19.49
N THR A 147 20.19 -3.65 -18.37
CA THR A 147 19.84 -2.99 -17.12
C THR A 147 20.86 -1.91 -16.81
N VAL A 148 20.39 -0.67 -16.66
CA VAL A 148 21.27 0.42 -16.30
C VAL A 148 21.53 0.40 -14.79
N ARG A 149 22.74 -0.03 -14.43
CA ARG A 149 23.20 -0.01 -13.04
C ARG A 149 24.09 1.20 -12.83
N LEU A 150 23.73 2.04 -11.87
CA LEU A 150 24.59 3.15 -11.48
C LEU A 150 25.34 2.73 -10.22
N LYS A 151 26.66 2.93 -10.23
CA LYS A 151 27.51 2.44 -9.15
C LYS A 151 28.23 3.53 -8.36
N GLU A 152 28.32 3.32 -7.06
CA GLU A 152 29.12 4.17 -6.17
C GLU A 152 29.85 3.28 -5.17
N HIS A 153 31.17 3.43 -5.09
CA HIS A 153 32.03 2.62 -4.20
C HIS A 153 31.88 1.11 -4.46
N ASP A 154 32.01 0.73 -5.73
CA ASP A 154 31.80 -0.64 -6.22
C ASP A 154 30.57 -1.30 -5.58
N GLN A 155 29.43 -0.66 -5.78
CA GLN A 155 28.16 -1.06 -5.21
C GLN A 155 27.04 -0.53 -6.09
N ASP A 156 26.06 -1.37 -6.40
CA ASP A 156 24.84 -0.93 -7.08
C ASP A 156 24.14 0.09 -6.20
N VAL A 157 23.78 1.23 -6.79
CA VAL A 157 23.22 2.33 -6.01
C VAL A 157 21.89 2.80 -6.65
N LEU A 158 21.68 2.44 -7.90
CA LEU A 158 20.42 2.66 -8.61
C LEU A 158 20.32 1.70 -9.79
N VAL A 159 19.18 1.02 -9.90
CA VAL A 159 18.95 0.01 -10.95
C VAL A 159 17.72 0.41 -11.78
N LEU A 160 17.89 0.52 -13.10
CA LEU A 160 16.81 0.95 -13.98
C LEU A 160 16.53 -0.03 -15.12
N GLU A 161 15.25 -0.12 -15.51
CA GLU A 161 14.81 -1.08 -16.52
C GLU A 161 13.68 -0.60 -17.41
N LYS A 162 13.58 -1.19 -18.59
CA LYS A 162 12.43 -1.01 -19.47
C LYS A 162 11.26 -1.86 -18.96
N VAL A 163 10.23 -1.21 -18.43
CA VAL A 163 9.07 -1.91 -17.89
C VAL A 163 7.93 -2.01 -18.92
N GLN A 179 10.31 3.88 -25.11
CA GLN A 179 10.04 3.49 -23.73
C GLN A 179 11.19 3.88 -22.80
N LYS A 180 10.84 4.43 -21.64
CA LYS A 180 11.82 4.91 -20.66
C LYS A 180 12.41 3.78 -19.81
N TYR A 181 13.48 4.11 -19.08
CA TYR A 181 14.03 3.25 -18.03
C TYR A 181 13.51 3.72 -16.68
N THR A 182 12.75 2.86 -16.00
CA THR A 182 12.20 3.21 -14.68
C THR A 182 13.01 2.61 -13.52
N VAL A 183 12.99 3.31 -12.39
CA VAL A 183 13.73 2.88 -11.19
C VAL A 183 13.13 1.60 -10.61
N MET A 184 13.96 0.56 -10.54
CA MET A 184 13.56 -0.73 -9.98
C MET A 184 13.96 -0.85 -8.52
N SER A 185 15.19 -0.42 -8.23
CA SER A 185 15.73 -0.41 -6.87
C SER A 185 16.81 0.66 -6.74
N GLY A 186 17.31 0.87 -5.53
CA GLY A 186 18.37 1.84 -5.29
C GLY A 186 18.39 2.29 -3.86
N THR A 187 19.40 3.07 -3.49
CA THR A 187 19.49 3.61 -2.14
C THR A 187 18.54 4.80 -2.01
N PRO A 188 18.02 5.05 -0.79
CA PRO A 188 17.18 6.23 -0.56
C PRO A 188 17.81 7.52 -1.07
N GLU A 189 19.13 7.66 -0.91
CA GLU A 189 19.86 8.85 -1.35
C GLU A 189 19.85 9.03 -2.86
N LYS A 190 20.10 7.94 -3.59
CA LYS A 190 20.20 7.98 -5.04
C LYS A 190 18.84 8.11 -5.71
N ILE A 191 17.82 7.49 -5.10
CA ILE A 191 16.45 7.61 -5.58
C ILE A 191 15.98 9.06 -5.51
N LEU A 192 16.24 9.73 -4.39
CA LEU A 192 15.95 11.16 -4.23
C LEU A 192 16.72 11.98 -5.25
N GLU A 193 18.01 11.69 -5.37
CA GLU A 193 18.91 12.37 -6.30
C GLU A 193 18.39 12.27 -7.73
N HIS A 194 17.92 11.08 -8.09
CA HIS A 194 17.39 10.81 -9.41
C HIS A 194 16.12 11.61 -9.68
N PHE A 195 15.19 11.57 -8.73
CA PHE A 195 13.92 12.28 -8.88
C PHE A 195 14.06 13.80 -8.79
N LEU A 196 15.16 14.27 -8.23
CA LEU A 196 15.49 15.71 -8.24
C LEU A 196 15.93 16.15 -9.63
N GLU A 197 16.91 15.44 -10.17
CA GLU A 197 17.55 15.75 -11.46
C GLU A 197 16.57 15.74 -12.64
N THR A 198 15.53 14.92 -12.56
CA THR A 198 14.61 14.72 -13.68
C THR A 198 13.38 15.64 -13.67
N ILE A 199 13.24 16.45 -12.62
CA ILE A 199 12.17 17.46 -12.56
C ILE A 199 12.27 18.41 -13.74
N ARG A 200 11.16 18.61 -14.43
CA ARG A 200 11.09 19.59 -15.51
C ARG A 200 10.30 20.82 -15.07
N LEU A 201 10.98 21.97 -15.05
CA LEU A 201 10.42 23.22 -14.56
C LEU A 201 9.59 23.93 -15.62
N GLU A 202 9.80 23.54 -16.88
CA GLU A 202 9.04 23.99 -18.04
C GLU A 202 7.53 23.91 -17.75
N PRO A 203 6.83 25.07 -17.77
CA PRO A 203 5.48 25.23 -17.18
C PRO A 203 4.36 24.37 -17.81
N SER A 204 4.51 24.02 -19.08
CA SER A 204 3.54 23.16 -19.77
C SER A 204 3.64 21.69 -19.34
N LEU A 205 4.73 21.34 -18.66
CA LEU A 205 4.94 19.99 -18.13
C LEU A 205 4.68 19.90 -16.62
N ASN A 206 3.83 20.80 -16.12
CA ASN A 206 3.48 20.88 -14.69
C ASN A 206 2.93 19.59 -14.08
N GLU A 207 1.85 19.07 -14.66
CA GLU A 207 1.20 17.85 -14.14
C GLU A 207 2.00 16.57 -14.42
N ALA A 208 2.78 16.58 -15.51
CA ALA A 208 3.66 15.46 -15.85
C ALA A 208 4.80 15.31 -14.83
N THR A 209 5.36 16.45 -14.42
CA THR A 209 6.41 16.49 -13.40
C THR A 209 5.89 16.06 -12.03
N ASP A 210 4.74 16.60 -11.64
CA ASP A 210 4.11 16.27 -10.35
C ASP A 210 3.75 14.80 -10.23
N SER A 211 3.37 14.20 -11.37
CA SER A 211 3.01 12.79 -11.43
C SER A 211 4.22 11.87 -11.21
N VAL A 212 5.36 12.26 -11.81
CA VAL A 212 6.62 11.52 -11.68
C VAL A 212 7.13 11.53 -10.22
N LEU A 213 7.10 12.70 -9.60
CA LEU A 213 7.54 12.89 -8.22
C LEU A 213 6.61 12.24 -7.20
N ASN A 214 5.37 12.01 -7.60
CA ASN A 214 4.33 11.53 -6.69
C ASN A 214 4.65 10.22 -6.00
N ASP A 215 5.23 9.28 -6.73
CA ASP A 215 5.60 7.99 -6.16
C ASP A 215 6.54 8.14 -4.97
N PHE A 216 7.59 8.95 -5.14
CA PHE A 216 8.59 9.18 -4.09
C PHE A 216 8.03 9.98 -2.92
N VAL A 217 7.38 11.09 -3.25
CA VAL A 217 6.82 12.02 -2.28
C VAL A 217 5.87 11.32 -1.30
N MET A 218 5.05 10.41 -1.83
CA MET A 218 4.10 9.66 -1.04
C MET A 218 4.74 8.49 -0.27
N MET A 219 5.69 7.81 -0.89
CA MET A 219 6.25 6.58 -0.32
C MET A 219 7.52 6.75 0.54
N HIS A 220 8.09 7.96 0.57
CA HIS A 220 9.40 8.18 1.22
C HIS A 220 9.48 7.73 2.68
N CYS A 221 8.39 7.87 3.41
CA CYS A 221 8.33 7.52 4.84
C CYS A 221 8.67 6.05 5.14
N VAL A 222 8.53 5.19 4.13
CA VAL A 222 8.81 3.77 4.28
C VAL A 222 10.32 3.51 4.27
N PHE A 223 11.03 4.22 3.39
CA PHE A 223 12.45 3.94 3.16
C PHE A 223 13.40 5.09 3.50
N MET A 224 12.86 6.31 3.57
CA MET A 224 13.66 7.50 3.86
C MET A 224 12.83 8.54 4.64
N PRO A 225 12.75 8.40 5.97
CA PRO A 225 11.93 9.30 6.81
C PRO A 225 12.44 10.75 6.85
N ASN A 226 11.57 11.65 7.31
CA ASN A 226 11.88 13.10 7.34
C ASN A 226 13.17 13.46 8.06
N THR A 227 13.53 12.68 9.07
CA THR A 227 14.78 12.91 9.81
C THR A 227 16.00 12.76 8.90
N GLN A 228 15.84 12.03 7.79
CA GLN A 228 16.90 11.87 6.80
C GLN A 228 16.69 12.75 5.57
N LEU A 229 15.44 12.83 5.10
CA LEU A 229 15.11 13.54 3.88
C LEU A 229 15.39 15.03 4.00
N CYS A 230 14.96 15.62 5.11
CA CYS A 230 15.11 17.06 5.31
C CYS A 230 16.57 17.55 5.28
N PRO A 231 17.48 16.89 6.01
CA PRO A 231 18.90 17.25 5.85
C PRO A 231 19.41 17.05 4.42
N ALA A 232 18.99 15.96 3.77
CA ALA A 232 19.39 15.66 2.40
C ALA A 232 18.88 16.70 1.40
N LEU A 233 17.70 17.26 1.68
CA LEU A 233 17.13 18.33 0.86
C LEU A 233 17.93 19.63 1.00
N VAL A 234 18.30 19.97 2.24
CA VAL A 234 19.11 21.16 2.51
C VAL A 234 20.48 21.04 1.82
N ALA A 235 21.10 19.86 1.96
CA ALA A 235 22.39 19.56 1.34
C ALA A 235 22.35 19.71 -0.17
N HIS A 236 21.25 19.27 -0.78
CA HIS A 236 21.05 19.41 -2.23
C HIS A 236 20.81 20.86 -2.62
N TYR A 237 20.03 21.57 -1.82
CA TYR A 237 19.70 22.97 -2.08
C TYR A 237 20.95 23.86 -2.17
N HIS A 238 21.98 23.52 -1.40
CA HIS A 238 23.21 24.30 -1.37
C HIS A 238 24.34 23.71 -2.20
N ALA A 239 24.06 22.63 -2.93
CA ALA A 239 25.08 21.98 -3.75
C ALA A 239 25.47 22.85 -4.94
N GLN A 240 26.74 23.25 -4.97
CA GLN A 240 27.27 24.04 -6.08
C GLN A 240 28.00 23.14 -7.06
N PRO A 241 27.97 23.49 -8.36
CA PRO A 241 28.69 22.72 -9.37
C PRO A 241 30.19 22.89 -9.24
N SER A 242 30.94 21.83 -9.52
CA SER A 242 32.39 21.83 -9.32
C SER A 242 33.18 21.99 -10.61
N GLN A 243 32.55 22.60 -11.61
CA GLN A 243 33.15 22.76 -12.95
C GLN A 243 32.35 23.74 -13.82
N GLY A 244 33.05 24.39 -14.76
CA GLY A 244 32.41 25.25 -15.75
C GLY A 244 32.66 26.72 -15.52
N THR A 245 32.41 27.52 -16.55
CA THR A 245 32.55 28.98 -16.47
C THR A 245 31.55 29.56 -15.47
N GLU A 246 31.79 30.79 -15.02
CA GLU A 246 30.97 31.41 -13.99
C GLU A 246 29.48 31.37 -14.32
N GLN A 247 29.11 31.77 -15.54
CA GLN A 247 27.71 31.75 -15.97
C GLN A 247 27.13 30.33 -15.97
N GLU A 248 27.87 29.38 -16.52
CA GLU A 248 27.47 27.97 -16.50
C GLU A 248 27.14 27.50 -15.09
N ARG A 249 28.02 27.84 -14.14
CA ARG A 249 27.88 27.44 -12.75
C ARG A 249 26.68 28.10 -12.06
N MET A 250 26.45 29.37 -12.36
CA MET A 250 25.33 30.11 -11.77
C MET A 250 23.99 29.60 -12.30
N ASP A 251 23.94 29.30 -13.59
CA ASP A 251 22.73 28.78 -14.22
C ASP A 251 22.33 27.42 -13.68
N TYR A 252 23.33 26.54 -13.49
CA TYR A 252 23.07 25.23 -12.93
C TYR A 252 22.58 25.31 -11.48
N ALA A 253 23.26 26.12 -10.68
CA ALA A 253 22.94 26.29 -9.26
C ALA A 253 21.52 26.82 -9.05
N LEU A 254 21.10 27.71 -9.94
CA LEU A 254 19.77 28.32 -9.86
C LEU A 254 18.66 27.31 -10.16
N ASN A 255 18.87 26.51 -11.20
CA ASN A 255 17.90 25.47 -11.57
C ASN A 255 17.87 24.31 -10.60
N ASN A 256 19.03 23.99 -10.01
CA ASN A 256 19.08 23.03 -8.93
C ASN A 256 18.20 23.48 -7.78
N LYS A 257 18.35 24.76 -7.40
CA LYS A 257 17.53 25.36 -6.35
C LYS A 257 16.05 25.42 -6.71
N ARG A 258 15.76 25.62 -8.00
CA ARG A 258 14.39 25.60 -8.49
C ARG A 258 13.76 24.21 -8.38
N ARG A 259 14.56 23.18 -8.69
CA ARG A 259 14.11 21.79 -8.59
C ARG A 259 13.86 21.33 -7.16
N VAL A 260 14.76 21.72 -6.25
CA VAL A 260 14.60 21.42 -4.82
C VAL A 260 13.32 22.04 -4.26
N ILE A 261 13.04 23.30 -4.60
CA ILE A 261 11.80 23.97 -4.19
C ILE A 261 10.57 23.23 -4.72
N ARG A 262 10.60 22.87 -6.00
CA ARG A 262 9.51 22.11 -6.63
C ARG A 262 9.18 20.84 -5.86
N LEU A 263 10.22 20.08 -5.51
CA LEU A 263 10.06 18.85 -4.74
C LEU A 263 9.53 19.13 -3.33
N VAL A 264 9.99 20.21 -2.72
CA VAL A 264 9.53 20.62 -1.38
C VAL A 264 8.03 20.96 -1.41
N LEU A 265 7.59 21.62 -2.49
CA LEU A 265 6.19 21.98 -2.66
C LEU A 265 5.27 20.76 -2.83
N GLN A 266 5.76 19.74 -3.54
CA GLN A 266 5.04 18.48 -3.68
C GLN A 266 5.01 17.68 -2.38
N TRP A 267 6.13 17.72 -1.66
CA TRP A 267 6.25 17.06 -0.36
C TRP A 267 5.34 17.70 0.66
N ALA A 268 5.29 19.03 0.66
CA ALA A 268 4.46 19.80 1.60
C ALA A 268 2.97 19.69 1.29
N ALA A 269 2.63 19.50 0.01
CA ALA A 269 1.25 19.32 -0.43
C ALA A 269 0.70 17.96 -0.01
N MET A 270 1.49 16.91 -0.27
CA MET A 270 1.16 15.54 0.11
C MET A 270 0.79 15.43 1.58
N TYR A 271 1.59 16.04 2.45
CA TYR A 271 1.35 16.04 3.89
C TYR A 271 0.16 16.92 4.26
N GLY A 272 0.14 18.14 3.71
CA GLY A 272 -0.88 19.13 4.05
C GLY A 272 -0.85 19.47 5.53
N ASP A 273 -2.00 19.28 6.17
CA ASP A 273 -2.16 19.54 7.61
C ASP A 273 -1.42 18.56 8.52
N LEU A 274 -0.91 17.47 7.95
CA LEU A 274 -0.21 16.44 8.73
C LEU A 274 1.20 16.82 9.20
N LEU A 275 1.74 17.90 8.64
CA LEU A 275 3.10 18.37 9.00
C LEU A 275 3.21 18.74 10.48
N GLN A 276 2.12 19.28 11.03
CA GLN A 276 2.03 19.65 12.45
C GLN A 276 2.38 18.50 13.41
N GLU A 277 2.34 17.27 12.92
CA GLU A 277 2.65 16.08 13.72
C GLU A 277 4.14 15.76 13.71
N ASP A 278 4.89 16.46 12.85
CA ASP A 278 6.32 16.23 12.72
C ASP A 278 7.10 17.53 12.95
N ASP A 279 7.87 17.57 14.04
CA ASP A 279 8.65 18.76 14.42
C ASP A 279 9.80 19.01 13.46
N VAL A 280 10.52 17.95 13.09
CA VAL A 280 11.65 18.01 12.17
C VAL A 280 11.22 18.53 10.79
N ALA A 281 10.06 18.08 10.32
CA ALA A 281 9.52 18.51 9.03
C ALA A 281 9.09 19.96 9.05
N MET A 282 8.54 20.41 10.18
CA MET A 282 8.12 21.81 10.35
C MET A 282 9.31 22.75 10.54
N ALA A 283 10.29 22.32 11.31
CA ALA A 283 11.52 23.07 11.50
C ALA A 283 12.24 23.26 10.17
N PHE A 284 12.36 22.17 9.41
CA PHE A 284 12.94 22.19 8.07
C PHE A 284 12.26 23.21 7.17
N LEU A 285 10.92 23.14 7.10
CA LEU A 285 10.15 23.95 6.17
C LEU A 285 10.22 25.44 6.52
N GLU A 286 10.23 25.72 7.83
CA GLU A 286 10.27 27.09 8.33
C GLU A 286 11.64 27.71 8.04
N GLU A 287 12.68 26.91 8.20
CA GLU A 287 14.05 27.32 7.86
C GLU A 287 14.24 27.41 6.36
N PHE A 288 13.65 26.47 5.63
CA PHE A 288 13.76 26.41 4.16
C PHE A 288 13.11 27.63 3.51
N TYR A 289 12.00 28.10 4.08
CA TYR A 289 11.31 29.28 3.56
C TYR A 289 12.17 30.54 3.75
N VAL A 290 12.79 30.64 4.92
CA VAL A 290 13.72 31.74 5.23
C VAL A 290 14.91 31.69 4.26
N SER A 291 15.47 30.51 4.07
CA SER A 291 16.60 30.28 3.19
C SER A 291 16.29 30.65 1.73
N VAL A 292 15.08 30.33 1.28
CA VAL A 292 14.64 30.61 -0.09
C VAL A 292 14.32 32.10 -0.29
N SER A 293 13.55 32.68 0.62
CA SER A 293 13.19 34.11 0.53
C SER A 293 14.42 35.03 0.58
N ASP A 294 15.44 34.63 1.33
CA ASP A 294 16.73 35.34 1.35
C ASP A 294 17.45 35.23 0.01
N ASP A 295 17.45 34.03 -0.57
CA ASP A 295 18.02 33.80 -1.90
C ASP A 295 17.23 34.54 -2.99
N ALA A 296 15.91 34.61 -2.81
CA ALA A 296 15.03 35.30 -3.76
C ALA A 296 15.31 36.80 -3.80
N ARG A 297 15.55 37.37 -2.62
CA ARG A 297 15.86 38.80 -2.47
C ARG A 297 17.08 39.25 -3.25
N MET A 298 18.20 38.56 -3.07
CA MET A 298 19.48 39.04 -3.59
C MET A 298 19.88 38.47 -4.95
N MET A 299 19.17 37.45 -5.41
CA MET A 299 19.42 36.86 -6.74
C MET A 299 18.33 37.26 -7.73
N ALA A 300 17.26 37.87 -7.22
CA ALA A 300 16.05 38.19 -7.99
C ALA A 300 15.50 36.96 -8.73
N ALA A 301 15.14 35.95 -7.95
CA ALA A 301 14.65 34.68 -8.49
C ALA A 301 13.47 34.13 -7.69
N PHE A 302 12.92 33.02 -8.17
CA PHE A 302 11.78 32.32 -7.55
C PHE A 302 10.53 33.19 -7.41
N LYS A 303 10.24 33.97 -8.44
CA LYS A 303 9.09 34.89 -8.44
C LYS A 303 7.76 34.19 -8.19
N GLU A 304 7.57 33.05 -8.85
CA GLU A 304 6.32 32.31 -8.76
C GLU A 304 6.28 31.33 -7.59
N GLN A 305 7.43 30.75 -7.26
CA GLN A 305 7.52 29.68 -6.25
C GLN A 305 7.51 30.17 -4.81
N LEU A 306 7.92 31.41 -4.59
CA LEU A 306 8.00 31.98 -3.23
C LEU A 306 6.63 32.25 -2.57
N PRO A 307 5.64 32.78 -3.34
CA PRO A 307 4.30 32.91 -2.77
C PRO A 307 3.64 31.56 -2.46
N GLU A 308 3.93 30.55 -3.29
CA GLU A 308 3.45 29.19 -3.06
C GLU A 308 4.02 28.62 -1.77
N LEU A 309 5.29 28.92 -1.51
CA LEU A 309 6.00 28.45 -0.34
C LEU A 309 5.55 29.20 0.92
N GLU A 310 5.19 30.46 0.75
CA GLU A 310 4.69 31.32 1.84
C GLU A 310 3.27 30.92 2.25
N LYS A 311 2.45 30.60 1.25
CA LYS A 311 1.07 30.13 1.44
C LYS A 311 1.02 28.91 2.35
N ILE A 312 1.93 27.95 2.09
CA ILE A 312 2.02 26.70 2.84
C ILE A 312 2.62 26.87 4.24
N VAL A 313 3.54 27.82 4.40
CA VAL A 313 4.18 28.09 5.69
C VAL A 313 3.25 28.77 6.70
N LYS A 314 2.47 29.73 6.22
CA LYS A 314 1.58 30.52 7.10
C LYS A 314 0.38 29.73 7.63
N GLN A 315 -0.02 28.68 6.91
CA GLN A 315 -1.13 27.82 7.33
C GLN A 315 -0.78 26.92 8.53
N ILE A 316 0.51 26.84 8.85
CA ILE A 316 0.98 26.08 10.00
C ILE A 316 0.71 26.85 11.31
N SER A 317 1.35 28.01 11.46
CA SER A 317 1.21 28.82 12.67
C SER A 317 0.20 29.96 12.46
N ARG A 344 -17.80 16.44 9.72
CA ARG A 344 -16.71 15.82 10.47
C ARG A 344 -15.36 16.44 10.11
N GLN A 345 -14.56 16.70 11.15
CA GLN A 345 -13.20 17.19 10.99
C GLN A 345 -12.20 16.03 11.10
N PRO A 346 -11.12 16.06 10.30
CA PRO A 346 -10.05 15.07 10.43
C PRO A 346 -9.47 15.04 11.83
N ILE A 347 -9.33 13.85 12.40
CA ILE A 347 -8.70 13.67 13.70
C ILE A 347 -7.18 13.75 13.53
N ARG A 348 -6.54 14.57 14.36
CA ARG A 348 -5.09 14.66 14.38
C ARG A 348 -4.51 13.75 15.46
N GLY A 349 -3.26 13.33 15.29
CA GLY A 349 -2.58 12.46 16.25
C GLY A 349 -2.22 13.18 17.54
N SER A 350 -2.14 14.50 17.45
CA SER A 350 -1.84 15.36 18.60
C SER A 350 -3.10 15.78 19.37
N ASP A 351 -4.28 15.52 18.79
CA ASP A 351 -5.55 15.75 19.46
C ASP A 351 -5.65 14.99 20.78
N GLU A 352 -6.43 15.53 21.72
CA GLU A 352 -6.55 14.98 23.07
C GLU A 352 -7.81 14.16 23.23
N VAL A 353 -7.69 12.98 23.85
CA VAL A 353 -8.84 12.10 24.06
C VAL A 353 -9.08 11.89 25.56
N LEU A 354 -10.35 12.00 25.96
CA LEU A 354 -10.78 11.52 27.27
C LEU A 354 -11.27 10.08 27.10
N PHE A 355 -10.42 9.13 27.46
CA PHE A 355 -10.74 7.73 27.23
C PHE A 355 -10.89 6.96 28.54
N LYS A 356 -11.99 6.23 28.66
CA LYS A 356 -12.26 5.40 29.83
C LYS A 356 -11.52 4.08 29.73
N VAL A 357 -10.67 3.79 30.71
CA VAL A 357 -9.95 2.53 30.78
C VAL A 357 -10.49 1.76 31.97
N TYR A 358 -10.99 0.56 31.71
CA TYR A 358 -11.79 -0.18 32.69
C TYR A 358 -10.99 -1.13 33.57
N CYS A 359 -11.46 -1.27 34.80
CA CYS A 359 -10.89 -2.18 35.77
C CYS A 359 -11.73 -3.46 35.81
N ILE A 360 -11.19 -4.53 36.40
CA ILE A 360 -11.90 -5.81 36.49
C ILE A 360 -13.29 -5.70 37.14
N ASP A 361 -13.41 -4.89 38.20
CA ASP A 361 -14.69 -4.68 38.89
C ASP A 361 -15.62 -3.71 38.15
N HIS A 362 -15.23 -3.35 36.93
CA HIS A 362 -16.00 -2.49 36.01
C HIS A 362 -16.11 -1.02 36.39
N THR A 363 -15.31 -0.62 37.39
CA THR A 363 -15.03 0.80 37.62
C THR A 363 -14.01 1.21 36.55
N TYR A 364 -13.78 2.51 36.41
CA TYR A 364 -12.89 2.99 35.36
C TYR A 364 -12.11 4.26 35.72
N THR A 365 -10.96 4.42 35.07
CA THR A 365 -10.22 5.67 35.10
C THR A 365 -10.43 6.39 33.76
N THR A 366 -10.62 7.70 33.82
CA THR A 366 -10.62 8.52 32.61
C THR A 366 -9.23 9.12 32.45
N ILE A 367 -8.51 8.68 31.41
CA ILE A 367 -7.20 9.24 31.11
C ILE A 367 -7.29 10.28 30.00
N ARG A 368 -6.37 11.24 30.05
CA ARG A 368 -6.33 12.34 29.09
C ARG A 368 -4.98 12.31 28.38
N VAL A 369 -4.98 11.76 27.17
CA VAL A 369 -3.76 11.52 26.39
C VAL A 369 -3.95 11.89 24.91
N PRO A 370 -2.84 11.97 24.14
CA PRO A 370 -2.96 12.19 22.69
C PRO A 370 -3.53 10.99 21.95
N VAL A 371 -4.19 11.23 20.81
CA VAL A 371 -4.76 10.17 19.98
C VAL A 371 -3.69 9.15 19.57
N ALA A 372 -2.51 9.65 19.21
CA ALA A 372 -1.43 8.79 18.73
C ALA A 372 -0.54 8.24 19.86
N ALA A 373 -1.03 8.31 21.09
CA ALA A 373 -0.29 7.78 22.25
C ALA A 373 -0.09 6.26 22.15
N SER A 374 1.05 5.79 22.63
CA SER A 374 1.35 4.36 22.63
C SER A 374 0.68 3.67 23.81
N VAL A 375 0.54 2.36 23.73
CA VAL A 375 -0.01 1.56 24.82
C VAL A 375 0.78 1.79 26.11
N LYS A 376 2.10 1.95 25.96
CA LYS A 376 3.00 2.27 27.07
C LYS A 376 2.67 3.62 27.71
N GLU A 377 2.30 4.60 26.89
CA GLU A 377 1.88 5.91 27.39
C GLU A 377 0.52 5.83 28.08
N VAL A 378 -0.31 4.89 27.64
CA VAL A 378 -1.63 4.64 28.24
C VAL A 378 -1.48 4.02 29.63
N ILE A 379 -0.63 3.01 29.74
CA ILE A 379 -0.38 2.34 31.02
C ILE A 379 0.13 3.36 32.04
N SER A 380 1.06 4.21 31.61
CA SER A 380 1.63 5.26 32.45
C SER A 380 0.58 6.23 32.96
N ALA A 381 -0.39 6.58 32.10
CA ALA A 381 -1.47 7.50 32.47
C ALA A 381 -2.47 6.88 33.44
N VAL A 382 -2.67 5.58 33.33
CA VAL A 382 -3.59 4.84 34.20
C VAL A 382 -2.95 4.66 35.58
N ALA A 383 -1.69 4.22 35.59
CA ALA A 383 -0.92 4.01 36.81
C ALA A 383 -0.69 5.31 37.58
N ASP A 384 -0.81 6.44 36.88
CA ASP A 384 -0.76 7.76 37.49
C ASP A 384 -1.96 7.98 38.42
N LYS A 385 -3.17 7.83 37.87
CA LYS A 385 -4.41 8.09 38.61
C LYS A 385 -4.78 6.98 39.60
N LEU A 386 -4.31 5.76 39.34
CA LEU A 386 -4.49 4.64 40.27
C LEU A 386 -3.24 4.45 41.15
N GLY A 387 -2.29 5.37 41.00
CA GLY A 387 -1.03 5.39 41.77
C GLY A 387 -0.40 4.02 41.96
N SER A 388 -0.15 3.32 40.86
CA SER A 388 0.29 1.92 40.94
C SER A 388 1.66 1.60 40.32
N GLY A 389 2.26 0.52 40.80
CA GLY A 389 3.40 -0.13 40.18
C GLY A 389 3.17 -1.63 40.22
N GLU A 390 1.93 -2.03 39.96
CA GLU A 390 1.49 -3.43 40.06
C GLU A 390 1.48 -4.18 38.73
N GLY A 391 2.24 -3.67 37.75
CA GLY A 391 2.42 -4.34 36.46
C GLY A 391 1.15 -4.48 35.65
N LEU A 392 0.67 -3.35 35.13
CA LEU A 392 -0.55 -3.33 34.32
C LEU A 392 -0.30 -3.72 32.87
N ILE A 393 -1.24 -4.49 32.31
CA ILE A 393 -1.30 -4.71 30.87
C ILE A 393 -2.63 -4.19 30.33
N ILE A 394 -2.62 -3.74 29.08
CA ILE A 394 -3.83 -3.25 28.43
C ILE A 394 -4.44 -4.32 27.53
N VAL A 395 -5.68 -4.71 27.81
CA VAL A 395 -6.40 -5.63 26.95
C VAL A 395 -7.66 -5.00 26.36
N LYS A 396 -7.92 -5.27 25.09
CA LYS A 396 -9.19 -4.88 24.47
C LYS A 396 -10.11 -6.08 24.41
N MET A 397 -11.39 -5.86 24.70
CA MET A 397 -12.34 -6.95 24.79
C MET A 397 -13.60 -6.70 23.96
N ASN A 398 -14.10 -7.78 23.36
CA ASN A 398 -15.35 -7.81 22.65
C ASN A 398 -16.55 -7.79 23.57
N SER A 399 -17.71 -7.50 22.99
CA SER A 399 -19.01 -7.78 23.59
C SER A 399 -19.17 -9.30 23.75
N GLY A 400 -18.53 -10.05 22.86
CA GLY A 400 -18.50 -11.50 22.94
C GLY A 400 -17.63 -12.05 24.04
N GLY A 401 -16.75 -11.21 24.59
CA GLY A 401 -15.84 -11.63 25.66
C GLY A 401 -14.44 -11.98 25.20
N GLU A 402 -14.20 -11.92 23.90
CA GLU A 402 -12.89 -12.24 23.31
C GLU A 402 -11.85 -11.16 23.63
N LYS A 403 -10.77 -11.57 24.28
CA LYS A 403 -9.76 -10.65 24.80
C LYS A 403 -8.47 -10.68 24.01
N VAL A 404 -7.83 -9.52 23.88
CA VAL A 404 -6.52 -9.42 23.24
C VAL A 404 -5.58 -8.53 24.05
N VAL A 405 -4.45 -9.09 24.48
CA VAL A 405 -3.41 -8.30 25.16
C VAL A 405 -2.66 -7.44 24.14
N LEU A 406 -2.64 -6.13 24.38
CA LEU A 406 -1.98 -5.20 23.48
C LEU A 406 -0.49 -5.05 23.79
N LYS A 407 0.31 -4.94 22.74
CA LYS A 407 1.75 -4.75 22.85
C LYS A 407 2.10 -3.35 23.34
N SER A 408 3.19 -3.24 24.09
CA SER A 408 3.62 -1.99 24.70
C SER A 408 3.89 -0.87 23.69
N ASN A 409 4.28 -1.25 22.48
CA ASN A 409 4.62 -0.28 21.45
C ASN A 409 3.53 -0.07 20.40
N ASP A 410 2.36 -0.68 20.62
CA ASP A 410 1.20 -0.43 19.77
C ASP A 410 0.76 1.02 19.93
N VAL A 411 0.53 1.71 18.81
CA VAL A 411 0.14 3.11 18.86
C VAL A 411 -1.29 3.33 18.40
N SER A 412 -1.93 4.36 18.97
CA SER A 412 -3.29 4.78 18.61
C SER A 412 -4.31 3.63 18.57
N VAL A 413 -4.48 2.96 19.72
CA VAL A 413 -5.32 1.77 19.80
C VAL A 413 -6.80 2.08 20.05
N PHE A 414 -7.10 3.32 20.42
CA PHE A 414 -8.45 3.74 20.79
C PHE A 414 -9.48 3.52 19.69
N THR A 415 -9.06 3.66 18.43
CA THR A 415 -9.97 3.51 17.30
C THR A 415 -9.86 2.14 16.63
N THR A 416 -8.99 1.29 17.17
CA THR A 416 -8.83 -0.07 16.66
C THR A 416 -9.73 -1.06 17.40
N LEU A 417 -10.50 -0.54 18.35
CA LEU A 417 -11.51 -1.31 19.07
C LEU A 417 -12.66 -1.70 18.14
N THR A 418 -13.29 -2.84 18.42
CA THR A 418 -14.53 -3.23 17.74
C THR A 418 -15.64 -2.25 18.11
N ILE A 419 -16.77 -2.29 17.40
CA ILE A 419 -17.85 -1.31 17.59
C ILE A 419 -18.26 -1.16 19.06
N ASN A 420 -18.43 -2.29 19.73
CA ASN A 420 -18.80 -2.30 21.14
C ASN A 420 -17.67 -2.71 22.07
N GLY A 421 -16.44 -2.62 21.56
CA GLY A 421 -15.25 -2.98 22.34
C GLY A 421 -14.90 -1.96 23.40
N ARG A 422 -14.35 -2.43 24.51
CA ARG A 422 -13.81 -1.55 25.55
C ARG A 422 -12.34 -1.86 25.86
N LEU A 423 -11.70 -0.95 26.58
CA LEU A 423 -10.28 -1.07 26.89
C LEU A 423 -10.10 -1.29 28.38
N PHE A 424 -9.26 -2.26 28.72
CA PHE A 424 -9.08 -2.69 30.10
C PHE A 424 -7.62 -2.60 30.56
N ALA A 425 -7.44 -2.35 31.86
CA ALA A 425 -6.11 -2.40 32.48
C ALA A 425 -6.13 -3.31 33.70
N CYS A 426 -5.23 -4.29 33.73
CA CYS A 426 -5.15 -5.26 34.82
C CYS A 426 -3.78 -5.95 34.85
N PRO A 427 -3.40 -6.53 36.01
CA PRO A 427 -2.23 -7.42 36.02
C PRO A 427 -2.55 -8.73 35.29
N ARG A 428 -1.52 -9.44 34.84
CA ARG A 428 -1.68 -10.64 34.01
C ARG A 428 -2.51 -11.78 34.64
N GLU A 429 -2.49 -11.87 35.97
CA GLU A 429 -3.24 -12.93 36.65
C GLU A 429 -4.74 -12.70 36.61
N GLN A 430 -5.15 -11.51 36.19
CA GLN A 430 -6.57 -11.16 36.09
C GLN A 430 -7.14 -11.36 34.68
N PHE A 431 -6.24 -11.56 33.71
CA PHE A 431 -6.63 -11.67 32.29
C PHE A 431 -7.83 -12.57 32.04
N ASP A 432 -7.79 -13.80 32.55
CA ASP A 432 -8.81 -14.81 32.27
C ASP A 432 -10.14 -14.59 32.98
N SER A 433 -10.13 -13.77 34.02
CA SER A 433 -11.33 -13.51 34.82
C SER A 433 -12.10 -12.27 34.35
N LEU A 434 -11.58 -11.59 33.33
CA LEU A 434 -12.25 -10.43 32.75
C LEU A 434 -13.54 -10.83 32.04
N THR A 435 -14.54 -9.97 32.18
CA THR A 435 -15.88 -10.22 31.65
C THR A 435 -16.44 -8.91 31.08
N PRO A 436 -17.29 -8.99 30.02
CA PRO A 436 -17.75 -7.74 29.39
C PRO A 436 -18.69 -6.89 30.24
N LEU A 437 -18.72 -5.60 29.94
CA LEU A 437 -19.66 -4.65 30.53
C LEU A 437 -21.03 -4.79 29.87
N PRO A 438 -22.13 -4.50 30.61
CA PRO A 438 -23.46 -4.45 29.99
C PRO A 438 -23.54 -3.47 28.83
N GLU A 439 -22.85 -2.33 28.97
CA GLU A 439 -22.74 -1.31 27.92
C GLU A 439 -22.39 -1.88 26.56
N GLN A 440 -21.60 -2.95 26.56
CA GLN A 440 -21.08 -3.57 25.33
C GLN A 440 -22.10 -4.44 24.60
N GLU A 441 -23.18 -4.83 25.28
CA GLU A 441 -24.12 -5.80 24.71
C GLU A 441 -25.18 -5.21 23.77
N GLY A 442 -25.13 -3.89 23.56
CA GLY A 442 -26.04 -3.22 22.61
C GLY A 442 -27.50 -3.15 23.03
N PRO A 443 -28.37 -2.63 22.13
CA PRO A 443 -29.79 -2.39 22.45
C PRO A 443 -30.60 -3.67 22.64
N THR A 444 -31.76 -3.54 23.28
CA THR A 444 -32.63 -4.68 23.54
C THR A 444 -34.01 -4.53 22.86
N THR A 445 -34.39 -3.29 22.59
CA THR A 445 -35.57 -3.01 21.74
C THR A 445 -35.12 -2.27 20.49
N GLY A 446 -35.77 -2.59 19.36
CA GLY A 446 -35.39 -2.03 18.06
C GLY A 446 -35.73 -0.57 17.87
N THR A 447 -35.43 -0.04 16.69
CA THR A 447 -35.73 1.35 16.35
C THR A 447 -36.51 1.47 15.04
N VAL A 448 -37.23 0.41 14.70
CA VAL A 448 -38.06 0.36 13.48
C VAL A 448 -39.11 1.47 13.47
N GLY A 449 -39.79 1.67 14.61
CA GLY A 449 -40.77 2.73 14.76
C GLY A 449 -40.28 4.13 14.44
N THR A 450 -38.98 4.27 14.19
CA THR A 450 -38.39 5.55 13.81
C THR A 450 -37.97 5.59 12.35
N PHE A 451 -37.10 4.67 11.92
CA PHE A 451 -36.53 4.73 10.57
C PHE A 451 -37.44 4.18 9.48
N GLU A 452 -38.45 3.41 9.88
CA GLU A 452 -39.47 2.91 8.97
C GLU A 452 -40.34 4.07 8.46
N LEU A 453 -40.52 5.07 9.32
CA LEU A 453 -41.19 6.33 8.97
C LEU A 453 -40.37 7.23 8.05
N MET A 454 -39.08 6.89 7.90
CA MET A 454 -38.18 7.67 7.05
C MET A 454 -38.10 7.09 5.65
N SER A 455 -37.85 7.96 4.68
CA SER A 455 -37.74 7.54 3.28
C SER A 455 -36.49 6.72 3.01
N SER A 456 -36.66 5.63 2.27
CA SER A 456 -35.55 4.79 1.84
C SER A 456 -34.48 5.64 1.14
N LYS A 457 -34.94 6.50 0.24
CA LYS A 457 -34.09 7.46 -0.47
C LYS A 457 -33.39 8.41 0.49
N ASP A 458 -34.15 9.00 1.42
CA ASP A 458 -33.60 9.90 2.43
C ASP A 458 -32.50 9.25 3.25
N LEU A 459 -32.74 8.02 3.71
CA LEU A 459 -31.77 7.27 4.51
C LEU A 459 -30.48 7.01 3.74
N ALA A 460 -30.60 6.45 2.53
CA ALA A 460 -29.44 6.19 1.69
C ALA A 460 -28.62 7.45 1.46
N TYR A 461 -29.28 8.54 1.12
CA TYR A 461 -28.60 9.80 0.86
C TYR A 461 -27.86 10.31 2.10
N GLN A 462 -28.51 10.27 3.25
CA GLN A 462 -27.91 10.75 4.50
C GLN A 462 -26.76 9.85 4.95
N MET A 463 -26.84 8.58 4.59
CA MET A 463 -25.77 7.63 4.83
C MET A 463 -24.54 7.98 4.01
N THR A 464 -24.75 8.30 2.74
CA THR A 464 -23.65 8.59 1.81
C THR A 464 -22.99 9.94 2.12
N THR A 465 -23.77 10.89 2.62
CA THR A 465 -23.25 12.19 3.07
C THR A 465 -22.30 11.98 4.24
N TYR A 466 -22.73 11.19 5.21
CA TYR A 466 -21.93 10.85 6.38
C TYR A 466 -20.72 10.01 5.99
N ASP A 467 -20.94 9.02 5.12
CA ASP A 467 -19.86 8.18 4.59
C ASP A 467 -18.79 9.00 3.88
N TRP A 468 -19.21 10.05 3.16
CA TRP A 468 -18.27 10.91 2.44
C TRP A 468 -17.43 11.79 3.34
N GLU A 469 -18.04 12.31 4.41
CA GLU A 469 -17.32 13.10 5.40
C GLU A 469 -16.25 12.24 6.06
N LEU A 470 -16.63 11.02 6.41
CA LEU A 470 -15.73 10.02 6.97
C LEU A 470 -14.60 9.61 6.00
N PHE A 471 -14.96 9.45 4.73
CA PHE A 471 -14.01 9.04 3.68
C PHE A 471 -13.01 10.14 3.33
N ASN A 472 -13.43 11.40 3.45
CA ASN A 472 -12.56 12.53 3.16
C ASN A 472 -11.62 12.88 4.32
N CYS A 473 -11.94 12.40 5.52
CA CYS A 473 -11.07 12.56 6.68
C CYS A 473 -9.83 11.68 6.57
N VAL A 474 -9.97 10.60 5.81
CA VAL A 474 -8.88 9.63 5.60
C VAL A 474 -7.83 10.21 4.67
N HIS A 475 -6.63 10.42 5.20
CA HIS A 475 -5.51 10.92 4.42
C HIS A 475 -4.86 9.78 3.64
N GLU A 476 -4.30 10.08 2.47
CA GLU A 476 -3.63 9.08 1.64
C GLU A 476 -2.53 8.31 2.37
N LEU A 477 -1.82 9.00 3.26
CA LEU A 477 -0.70 8.41 4.00
C LEU A 477 -1.16 7.44 5.08
N GLU A 478 -2.40 7.58 5.53
CA GLU A 478 -2.95 6.70 6.57
C GLU A 478 -3.08 5.26 6.08
N LEU A 479 -3.30 5.10 4.77
CA LEU A 479 -3.29 3.78 4.13
C LEU A 479 -1.90 3.16 4.14
N ILE A 480 -0.88 4.00 3.97
CA ILE A 480 0.51 3.57 4.02
C ILE A 480 0.87 3.12 5.44
N TYR A 481 0.55 3.95 6.44
CA TYR A 481 0.86 3.64 7.84
C TYR A 481 0.17 2.36 8.29
N HIS A 482 -1.07 2.18 7.84
CA HIS A 482 -1.90 1.03 8.20
C HIS A 482 -1.30 -0.27 7.67
N THR A 483 -0.82 -0.24 6.43
CA THR A 483 -0.28 -1.42 5.77
C THR A 483 1.08 -1.83 6.31
N PHE A 484 2.00 -0.86 6.37
CA PHE A 484 3.37 -1.13 6.80
C PHE A 484 3.50 -1.22 8.32
N GLY A 485 2.42 -0.93 9.03
CA GLY A 485 2.39 -1.06 10.49
C GLY A 485 2.52 0.27 11.23
N ARG A 486 1.48 0.62 11.98
CA ARG A 486 1.42 1.89 12.71
C ARG A 486 2.65 2.20 13.58
N HIS A 487 3.19 1.18 14.26
CA HIS A 487 4.31 1.36 15.20
C HIS A 487 5.61 1.81 14.53
N ASN A 488 5.78 1.46 13.25
CA ASN A 488 6.97 1.86 12.50
C ASN A 488 6.99 3.35 12.19
N PHE A 489 5.83 3.98 12.21
CA PHE A 489 5.71 5.39 11.87
C PHE A 489 5.34 6.21 13.09
N LYS A 490 4.81 5.52 14.10
CA LYS A 490 4.29 6.16 15.32
C LYS A 490 3.25 7.23 14.98
N LYS A 491 2.56 7.03 13.86
CA LYS A 491 1.50 7.92 13.42
C LYS A 491 0.14 7.26 13.63
N THR A 492 -0.90 8.08 13.67
CA THR A 492 -2.26 7.58 13.87
C THR A 492 -2.91 7.22 12.53
N THR A 493 -3.79 6.23 12.57
CA THR A 493 -4.68 5.95 11.44
C THR A 493 -6.13 6.05 11.89
N ALA A 494 -6.37 6.88 12.90
CA ALA A 494 -7.68 7.06 13.53
C ALA A 494 -8.81 7.28 12.54
N ASN A 495 -8.57 8.14 11.55
CA ASN A 495 -9.57 8.45 10.53
C ASN A 495 -9.93 7.25 9.67
N LEU A 496 -8.93 6.49 9.27
CA LEU A 496 -9.16 5.25 8.52
C LEU A 496 -9.90 4.23 9.37
N ASP A 497 -9.43 4.02 10.60
CA ASP A 497 -10.04 3.09 11.56
C ASP A 497 -11.54 3.32 11.71
N LEU A 498 -11.93 4.59 11.87
CA LEU A 498 -13.34 4.96 12.07
C LEU A 498 -14.18 4.72 10.82
N PHE A 499 -13.58 4.90 9.65
CA PHE A 499 -14.26 4.65 8.39
C PHE A 499 -14.44 3.15 8.12
N LEU A 500 -13.40 2.38 8.39
CA LEU A 500 -13.45 0.92 8.24
C LEU A 500 -14.47 0.32 9.20
N ARG A 501 -14.56 0.93 10.38
CA ARG A 501 -15.51 0.54 11.42
C ARG A 501 -16.95 0.71 10.93
N ARG A 502 -17.19 1.78 10.16
CA ARG A 502 -18.51 2.11 9.62
C ARG A 502 -19.10 0.96 8.82
N PHE A 503 -18.26 0.26 8.06
CA PHE A 503 -18.69 -0.91 7.31
C PHE A 503 -19.31 -1.95 8.25
N ASN A 504 -18.55 -2.34 9.28
CA ASN A 504 -19.03 -3.28 10.28
C ASN A 504 -20.27 -2.80 11.02
N GLU A 505 -20.35 -1.49 11.23
CA GLU A 505 -21.48 -0.87 11.92
C GLU A 505 -22.77 -1.01 11.12
N ILE A 506 -22.72 -0.62 9.85
CA ILE A 506 -23.87 -0.72 8.96
C ILE A 506 -24.33 -2.17 8.82
N GLN A 507 -23.36 -3.06 8.61
CA GLN A 507 -23.62 -4.49 8.49
C GLN A 507 -24.38 -5.01 9.71
N PHE A 508 -23.83 -4.76 10.90
CA PHE A 508 -24.44 -5.17 12.15
C PHE A 508 -25.71 -4.41 12.53
N TRP A 509 -25.89 -3.21 11.99
CA TRP A 509 -27.14 -2.46 12.14
C TRP A 509 -28.32 -3.19 11.47
N VAL A 510 -28.10 -3.65 10.24
CA VAL A 510 -29.07 -4.48 9.53
C VAL A 510 -29.46 -5.68 10.40
N VAL A 511 -28.47 -6.45 10.85
CA VAL A 511 -28.70 -7.68 11.62
C VAL A 511 -29.45 -7.40 12.91
N THR A 512 -29.10 -6.31 13.59
CA THR A 512 -29.73 -5.92 14.85
C THR A 512 -31.22 -5.67 14.68
N GLU A 513 -31.57 -4.78 13.75
CA GLU A 513 -32.96 -4.37 13.56
C GLU A 513 -33.89 -5.51 13.14
N VAL A 514 -33.37 -6.42 12.30
CA VAL A 514 -34.12 -7.61 11.90
C VAL A 514 -34.39 -8.54 13.09
N CYS A 515 -33.37 -8.77 13.92
CA CYS A 515 -33.47 -9.70 15.05
C CYS A 515 -34.28 -9.18 16.25
N LEU A 516 -34.43 -7.86 16.34
CA LEU A 516 -35.25 -7.25 17.38
C LEU A 516 -36.66 -6.95 16.88
N CYS A 517 -37.03 -7.55 15.75
CA CYS A 517 -38.31 -7.34 15.11
C CYS A 517 -39.13 -8.62 15.15
N SER A 518 -39.92 -8.80 16.20
CA SER A 518 -40.62 -10.05 16.47
C SER A 518 -41.83 -10.33 15.57
N GLN A 519 -42.45 -9.26 15.07
CA GLN A 519 -43.62 -9.37 14.19
C GLN A 519 -43.17 -9.73 12.77
N LEU A 520 -43.56 -10.93 12.31
CA LEU A 520 -43.16 -11.44 10.99
C LEU A 520 -43.60 -10.56 9.82
N SER A 521 -44.78 -9.93 9.95
CA SER A 521 -45.30 -9.04 8.92
C SER A 521 -44.43 -7.79 8.71
N LYS A 522 -43.97 -7.22 9.82
CA LYS A 522 -43.16 -6.00 9.79
C LYS A 522 -41.69 -6.31 9.48
N ARG A 523 -41.28 -7.55 9.78
CA ARG A 523 -39.93 -8.01 9.48
C ARG A 523 -39.72 -8.17 7.97
N VAL A 524 -40.78 -8.56 7.28
CA VAL A 524 -40.75 -8.64 5.81
C VAL A 524 -40.63 -7.24 5.23
N GLN A 525 -41.30 -6.28 5.87
CA GLN A 525 -41.21 -4.88 5.49
C GLN A 525 -39.82 -4.31 5.76
N LEU A 526 -39.12 -4.87 6.74
CA LEU A 526 -37.73 -4.52 7.02
C LEU A 526 -36.79 -4.98 5.92
N LEU A 527 -36.80 -6.28 5.62
CA LEU A 527 -35.96 -6.85 4.56
C LEU A 527 -36.17 -6.13 3.24
N LYS A 528 -37.41 -5.75 2.97
CA LYS A 528 -37.77 -5.00 1.77
C LYS A 528 -37.09 -3.64 1.77
N LYS A 529 -37.16 -2.95 2.92
CA LYS A 529 -36.60 -1.61 3.05
C LYS A 529 -35.07 -1.57 2.97
N PHE A 530 -34.42 -2.60 3.52
CA PHE A 530 -32.97 -2.70 3.47
C PHE A 530 -32.48 -2.97 2.04
N ILE A 531 -33.21 -3.80 1.31
CA ILE A 531 -32.92 -4.03 -0.10
C ILE A 531 -33.09 -2.73 -0.90
N LYS A 532 -34.07 -1.93 -0.50
CA LYS A 532 -34.30 -0.62 -1.12
C LYS A 532 -33.17 0.36 -0.83
N ILE A 533 -32.78 0.47 0.44
CA ILE A 533 -31.67 1.36 0.85
C ILE A 533 -30.35 0.98 0.15
N ALA A 534 -30.09 -0.32 0.04
CA ALA A 534 -28.89 -0.82 -0.64
C ALA A 534 -28.86 -0.41 -2.11
N ALA A 535 -30.00 -0.55 -2.78
CA ALA A 535 -30.15 -0.18 -4.19
C ALA A 535 -29.90 1.31 -4.41
N HIS A 536 -30.44 2.13 -3.52
CA HIS A 536 -30.25 3.58 -3.56
C HIS A 536 -28.80 3.97 -3.25
N CYS A 537 -28.19 3.24 -2.31
CA CYS A 537 -26.77 3.44 -1.97
C CYS A 537 -25.88 3.15 -3.17
N LYS A 538 -26.21 2.08 -3.88
CA LYS A 538 -25.49 1.67 -5.09
C LYS A 538 -25.70 2.67 -6.23
N GLU A 539 -26.77 3.45 -6.13
CA GLU A 539 -27.11 4.45 -7.13
C GLU A 539 -26.27 5.71 -6.97
N TYR A 540 -26.02 6.09 -5.71
CA TYR A 540 -25.14 7.22 -5.40
C TYR A 540 -23.66 6.86 -5.57
N LYS A 541 -23.40 5.61 -5.92
CA LYS A 541 -22.05 5.05 -6.09
C LYS A 541 -21.32 4.83 -4.75
N ASN A 542 -22.08 4.80 -3.67
CA ASN A 542 -21.59 4.38 -2.35
C ASN A 542 -21.60 2.85 -2.28
N LEU A 543 -20.57 2.24 -2.86
CA LEU A 543 -20.50 0.77 -2.95
C LEU A 543 -20.14 0.13 -1.61
N ASN A 544 -19.55 0.91 -0.71
CA ASN A 544 -19.19 0.43 0.61
C ASN A 544 -20.42 0.12 1.47
N SER A 545 -21.29 1.12 1.63
CA SER A 545 -22.53 0.96 2.37
C SER A 545 -23.46 -0.04 1.69
N PHE A 546 -23.44 -0.05 0.36
CA PHE A 546 -24.20 -1.03 -0.43
C PHE A 546 -23.83 -2.46 -0.05
N PHE A 547 -22.54 -2.79 -0.16
CA PHE A 547 -22.06 -4.13 0.16
C PHE A 547 -22.27 -4.50 1.63
N ALA A 548 -22.19 -3.49 2.51
CA ALA A 548 -22.39 -3.69 3.94
C ALA A 548 -23.80 -4.13 4.29
N ILE A 549 -24.79 -3.53 3.61
CA ILE A 549 -26.19 -3.90 3.79
C ILE A 549 -26.45 -5.29 3.22
N VAL A 550 -25.96 -5.54 2.00
CA VAL A 550 -26.11 -6.84 1.37
C VAL A 550 -25.49 -7.94 2.24
N MET A 551 -24.32 -7.66 2.81
CA MET A 551 -23.65 -8.59 3.73
C MET A 551 -24.38 -8.75 5.07
N GLY A 552 -25.09 -7.69 5.47
CA GLY A 552 -25.96 -7.74 6.64
C GLY A 552 -27.11 -8.69 6.41
N LEU A 553 -27.71 -8.59 5.23
CA LEU A 553 -28.82 -9.47 4.83
C LEU A 553 -28.40 -10.93 4.68
N SER A 554 -27.15 -11.17 4.29
CA SER A 554 -26.66 -12.54 4.12
C SER A 554 -26.07 -13.14 5.39
N ASN A 555 -26.10 -12.36 6.48
CA ASN A 555 -25.65 -12.81 7.79
C ASN A 555 -26.37 -14.08 8.21
N VAL A 556 -25.61 -14.99 8.82
CA VAL A 556 -26.11 -16.27 9.30
C VAL A 556 -27.46 -16.18 10.02
N ALA A 557 -27.63 -15.15 10.85
CA ALA A 557 -28.84 -14.95 11.64
C ALA A 557 -30.03 -14.47 10.81
N VAL A 558 -29.77 -13.78 9.70
CA VAL A 558 -30.84 -13.24 8.86
C VAL A 558 -31.26 -14.21 7.75
N SER A 559 -30.28 -14.80 7.07
CA SER A 559 -30.53 -15.76 6.00
C SER A 559 -31.28 -17.01 6.49
N ARG A 560 -31.22 -17.24 7.80
CA ARG A 560 -31.93 -18.34 8.46
C ARG A 560 -33.45 -18.22 8.38
N LEU A 561 -33.96 -16.99 8.45
CA LEU A 561 -35.39 -16.74 8.63
C LEU A 561 -36.20 -17.00 7.35
N ALA A 562 -36.40 -18.30 7.07
CA ALA A 562 -37.07 -18.77 5.85
C ALA A 562 -38.49 -18.22 5.69
N LEU A 563 -39.24 -18.16 6.78
CA LEU A 563 -40.61 -17.65 6.76
C LEU A 563 -40.67 -16.16 6.42
N THR A 564 -39.57 -15.45 6.67
CA THR A 564 -39.46 -14.02 6.33
C THR A 564 -39.05 -13.87 4.86
N TRP A 565 -38.08 -14.69 4.42
CA TRP A 565 -37.59 -14.66 3.05
C TRP A 565 -38.63 -15.18 2.05
N GLU A 566 -39.32 -16.26 2.42
CA GLU A 566 -40.35 -16.89 1.60
C GLU A 566 -41.44 -15.90 1.18
N LYS A 567 -42.01 -15.19 2.14
CA LYS A 567 -43.13 -14.28 1.84
C LYS A 567 -42.71 -12.86 1.49
N LEU A 568 -41.43 -12.69 1.13
CA LEU A 568 -40.95 -11.43 0.59
C LEU A 568 -41.34 -11.36 -0.89
N PRO A 569 -41.92 -10.22 -1.34
CA PRO A 569 -42.31 -10.02 -2.75
C PRO A 569 -41.24 -10.52 -3.72
N SER A 570 -41.69 -11.25 -4.74
CA SER A 570 -40.79 -11.95 -5.68
C SER A 570 -39.83 -11.01 -6.44
N LYS A 571 -40.30 -9.79 -6.71
CA LYS A 571 -39.47 -8.75 -7.33
C LYS A 571 -38.19 -8.53 -6.53
N PHE A 572 -38.34 -8.37 -5.22
CA PHE A 572 -37.22 -8.09 -4.31
C PHE A 572 -36.34 -9.31 -4.04
N LYS A 573 -36.90 -10.51 -4.18
CA LYS A 573 -36.14 -11.75 -4.09
C LYS A 573 -35.04 -11.81 -5.16
N LYS A 574 -35.37 -11.38 -6.37
CA LYS A 574 -34.42 -11.37 -7.48
C LYS A 574 -33.49 -10.15 -7.40
N PHE A 575 -34.02 -9.03 -6.91
CA PHE A 575 -33.22 -7.83 -6.63
C PHE A 575 -32.04 -8.15 -5.73
N TYR A 576 -32.30 -8.93 -4.68
CA TYR A 576 -31.28 -9.31 -3.72
C TYR A 576 -30.30 -10.36 -4.24
N ALA A 577 -30.79 -11.30 -5.05
CA ALA A 577 -29.94 -12.35 -5.62
C ALA A 577 -28.91 -11.79 -6.59
N GLU A 578 -29.28 -10.68 -7.25
CA GLU A 578 -28.37 -9.95 -8.13
C GLU A 578 -27.31 -9.19 -7.34
N PHE A 579 -27.75 -8.58 -6.24
CA PHE A 579 -26.86 -7.89 -5.30
C PHE A 579 -25.85 -8.88 -4.72
N GLU A 580 -26.31 -10.08 -4.39
CA GLU A 580 -25.48 -11.10 -3.77
C GLU A 580 -24.49 -11.75 -4.74
N SER A 581 -24.75 -11.62 -6.03
CA SER A 581 -23.85 -12.17 -7.07
C SER A 581 -22.78 -11.15 -7.50
N LEU A 582 -22.91 -9.92 -7.02
CA LEU A 582 -21.88 -8.89 -7.22
C LEU A 582 -20.74 -9.06 -6.22
N MET A 583 -20.99 -9.85 -5.17
CA MET A 583 -19.98 -10.14 -4.16
C MET A 583 -19.19 -11.40 -4.51
N ASP A 584 -19.55 -12.04 -5.62
CA ASP A 584 -18.88 -13.26 -6.07
C ASP A 584 -17.36 -13.06 -6.14
N PRO A 585 -16.62 -13.78 -5.27
CA PRO A 585 -15.17 -13.62 -5.17
C PRO A 585 -14.40 -14.25 -6.33
N SER A 586 -15.12 -14.73 -7.34
CA SER A 586 -14.54 -15.40 -8.50
C SER A 586 -13.69 -14.47 -9.36
N ARG A 587 -12.60 -15.03 -9.90
CA ARG A 587 -11.65 -14.30 -10.74
C ARG A 587 -11.24 -12.99 -10.08
N ASN A 588 -10.84 -13.10 -8.81
CA ASN A 588 -10.45 -11.98 -7.96
C ASN A 588 -11.51 -10.87 -7.87
N HIS A 589 -12.68 -11.24 -7.34
CA HIS A 589 -13.84 -10.35 -7.21
C HIS A 589 -14.16 -9.58 -8.51
N ARG A 590 -14.09 -10.32 -9.62
CA ARG A 590 -14.31 -9.76 -10.97
C ARG A 590 -15.62 -8.98 -11.08
N ALA A 591 -16.68 -9.52 -10.47
CA ALA A 591 -18.00 -8.91 -10.49
C ALA A 591 -17.98 -7.48 -9.95
N TYR A 592 -17.41 -7.30 -8.77
CA TYR A 592 -17.30 -5.97 -8.16
C TYR A 592 -16.33 -5.08 -8.93
N ARG A 593 -15.16 -5.61 -9.24
CA ARG A 593 -14.09 -4.84 -9.87
C ARG A 593 -14.52 -4.17 -11.17
N LEU A 594 -15.28 -4.90 -11.99
CA LEU A 594 -15.82 -4.36 -13.24
C LEU A 594 -16.92 -3.33 -13.00
N THR A 595 -17.75 -3.56 -11.98
CA THR A 595 -18.80 -2.62 -11.59
C THR A 595 -18.20 -1.28 -11.17
N ALA A 596 -17.15 -1.34 -10.34
CA ALA A 596 -16.48 -0.14 -9.83
C ALA A 596 -15.74 0.62 -10.93
N ALA A 597 -15.11 -0.13 -11.85
CA ALA A 597 -14.34 0.46 -12.95
C ALA A 597 -15.21 1.24 -13.93
N LYS A 598 -16.42 0.74 -14.20
CA LYS A 598 -17.36 1.40 -15.12
C LYS A 598 -17.87 2.73 -14.60
N LEU A 599 -17.89 2.89 -13.28
CA LEU A 599 -18.39 4.11 -12.65
C LEU A 599 -17.45 5.30 -12.84
N GLU A 600 -17.94 6.49 -12.49
CA GLU A 600 -17.18 7.72 -12.63
C GLU A 600 -16.80 8.30 -11.25
N PRO A 601 -15.63 8.98 -11.17
CA PRO A 601 -14.93 9.42 -9.96
C PRO A 601 -15.71 9.47 -8.62
N PRO A 602 -16.71 10.38 -8.46
CA PRO A 602 -17.24 10.51 -7.09
C PRO A 602 -17.94 9.23 -6.58
N LEU A 603 -17.16 8.31 -6.03
CA LEU A 603 -17.66 7.00 -5.59
C LEU A 603 -16.90 6.49 -4.36
N ILE A 604 -17.59 5.71 -3.53
CA ILE A 604 -16.97 5.12 -2.34
C ILE A 604 -16.75 3.64 -2.58
N PRO A 605 -15.48 3.20 -2.65
CA PRO A 605 -15.14 1.83 -3.01
C PRO A 605 -15.47 0.81 -1.91
N PHE A 606 -15.41 -0.46 -2.26
CA PHE A 606 -15.59 -1.55 -1.31
C PHE A 606 -14.32 -1.69 -0.47
N MET A 607 -14.34 -1.06 0.71
CA MET A 607 -13.14 -0.87 1.55
C MET A 607 -12.37 -2.12 1.94
N PRO A 608 -13.07 -3.19 2.39
CA PRO A 608 -12.33 -4.39 2.78
C PRO A 608 -11.45 -4.96 1.66
N LEU A 609 -11.87 -4.79 0.41
CA LEU A 609 -11.08 -5.30 -0.71
C LEU A 609 -9.85 -4.45 -0.99
N LEU A 610 -9.98 -3.13 -0.80
CA LEU A 610 -8.85 -2.21 -0.90
C LEU A 610 -7.79 -2.52 0.16
N ILE A 611 -8.23 -2.75 1.39
CA ILE A 611 -7.34 -3.12 2.49
C ILE A 611 -6.68 -4.48 2.21
N LYS A 612 -7.43 -5.37 1.57
CA LYS A 612 -6.92 -6.69 1.20
C LYS A 612 -5.82 -6.58 0.14
N ASP A 613 -6.06 -5.77 -0.89
CA ASP A 613 -5.10 -5.50 -1.96
C ASP A 613 -3.78 -5.03 -1.36
N MET A 614 -3.90 -3.98 -0.54
CA MET A 614 -2.80 -3.37 0.17
C MET A 614 -1.98 -4.38 0.99
N THR A 615 -2.69 -5.25 1.71
CA THR A 615 -2.07 -6.27 2.56
C THR A 615 -1.20 -7.23 1.75
N PHE A 616 -1.77 -7.74 0.65
CA PHE A 616 -1.07 -8.69 -0.20
C PHE A 616 0.04 -8.06 -1.04
N THR A 617 -0.07 -6.76 -1.30
CA THR A 617 1.01 -6.04 -1.97
C THR A 617 2.22 -5.95 -1.05
N HIS A 618 1.97 -5.73 0.23
CA HIS A 618 3.02 -5.65 1.23
C HIS A 618 3.62 -7.01 1.54
N GLU A 619 2.76 -8.01 1.74
CA GLU A 619 3.18 -9.32 2.21
C GLU A 619 3.77 -10.20 1.11
N GLY A 620 3.39 -9.92 -0.14
CA GLY A 620 3.85 -10.71 -1.28
C GLY A 620 5.07 -10.13 -1.99
N ASN A 621 5.46 -8.93 -1.58
CA ASN A 621 6.62 -8.24 -2.15
C ASN A 621 7.55 -7.78 -1.06
N LYS A 622 8.85 -7.89 -1.28
CA LYS A 622 9.82 -7.51 -0.27
C LYS A 622 10.23 -6.05 -0.40
N THR A 623 10.25 -5.33 0.72
CA THR A 623 10.58 -3.89 0.74
C THR A 623 12.03 -3.64 0.29
N PHE A 624 12.93 -4.53 0.69
CA PHE A 624 14.34 -4.42 0.33
C PHE A 624 14.78 -5.59 -0.53
N ILE A 625 15.56 -5.30 -1.56
CA ILE A 625 16.15 -6.31 -2.43
C ILE A 625 17.65 -6.06 -2.52
N ASP A 626 18.42 -6.96 -1.92
CA ASP A 626 19.87 -6.85 -1.85
C ASP A 626 20.26 -5.57 -1.11
N ASN A 627 19.50 -5.25 -0.07
CA ASN A 627 19.65 -4.01 0.71
C ASN A 627 19.31 -2.71 -0.04
N LEU A 628 18.87 -2.84 -1.29
CA LEU A 628 18.36 -1.70 -2.04
C LEU A 628 16.84 -1.64 -1.96
N VAL A 629 16.30 -0.43 -1.89
CA VAL A 629 14.86 -0.23 -1.80
C VAL A 629 14.16 -0.78 -3.04
N ASN A 630 13.28 -1.76 -2.85
CA ASN A 630 12.46 -2.30 -3.94
C ASN A 630 11.40 -1.28 -4.36
N PHE A 631 11.78 -0.39 -5.28
CA PHE A 631 10.92 0.72 -5.68
C PHE A 631 9.76 0.26 -6.59
N GLU A 632 9.89 -0.97 -7.10
CA GLU A 632 8.83 -1.64 -7.85
C GLU A 632 7.63 -1.90 -6.94
N LYS A 633 7.92 -2.27 -5.68
CA LYS A 633 6.90 -2.46 -4.65
C LYS A 633 6.26 -1.14 -4.24
N MET A 634 7.08 -0.09 -4.14
CA MET A 634 6.62 1.23 -3.73
C MET A 634 5.61 1.81 -4.73
N ARG A 635 5.87 1.60 -6.02
CA ARG A 635 4.96 2.03 -7.09
C ARG A 635 3.60 1.35 -7.03
N MET A 636 3.59 0.09 -6.64
CA MET A 636 2.35 -0.69 -6.53
C MET A 636 1.47 -0.16 -5.40
N ILE A 637 2.08 0.06 -4.24
CA ILE A 637 1.37 0.63 -3.09
C ILE A 637 0.85 2.03 -3.42
N ALA A 638 1.68 2.83 -4.09
CA ALA A 638 1.31 4.18 -4.49
C ALA A 638 0.13 4.19 -5.46
N ASN A 639 0.14 3.27 -6.42
CA ASN A 639 -0.95 3.14 -7.39
C ASN A 639 -2.30 2.85 -6.74
N THR A 640 -2.29 1.97 -5.74
CA THR A 640 -3.48 1.64 -4.97
C THR A 640 -3.99 2.85 -4.17
N ALA A 641 -3.07 3.68 -3.70
CA ALA A 641 -3.43 4.90 -2.98
C ALA A 641 -3.97 5.99 -3.92
N ARG A 642 -3.39 6.09 -5.11
CA ARG A 642 -3.85 7.02 -6.15
C ARG A 642 -5.25 6.66 -6.64
N THR A 643 -5.58 5.38 -6.55
CA THR A 643 -6.91 4.86 -6.83
C THR A 643 -7.95 5.52 -5.89
N VAL A 644 -7.61 5.63 -4.60
CA VAL A 644 -8.44 6.35 -3.64
C VAL A 644 -8.53 7.84 -4.00
N ARG A 645 -7.41 8.41 -4.43
CA ARG A 645 -7.36 9.81 -4.86
C ARG A 645 -8.32 10.05 -6.02
N TYR A 646 -8.41 9.07 -6.92
CA TYR A 646 -9.29 9.15 -8.09
C TYR A 646 -10.77 9.12 -7.70
N TYR A 647 -11.11 8.26 -6.75
CA TYR A 647 -12.48 8.12 -6.26
C TYR A 647 -12.98 9.38 -5.55
N ARG A 648 -12.07 10.22 -5.09
CA ARG A 648 -12.43 11.44 -4.36
C ARG A 648 -12.08 12.69 -5.14
N SER A 649 -11.79 12.53 -6.43
CA SER A 649 -11.41 13.66 -7.30
C SER A 649 -12.58 14.58 -7.64
N GLN A 650 -13.81 14.14 -7.36
CA GLN A 650 -15.01 14.94 -7.59
C GLN A 650 -15.87 15.05 -6.34
N PRO A 651 -16.59 16.17 -6.16
CA PRO A 651 -17.44 16.33 -4.97
C PRO A 651 -18.75 15.56 -5.09
N PHE A 652 -19.53 15.54 -4.02
CA PHE A 652 -20.79 14.80 -3.97
C PHE A 652 -22.01 15.72 -4.08
N ASN A 653 -23.03 15.25 -4.81
CA ASN A 653 -24.31 15.96 -4.93
C ASN A 653 -25.53 15.11 -4.54
N HIS A 663 -33.77 17.55 6.20
CA HIS A 663 -34.05 16.29 6.89
C HIS A 663 -33.09 16.05 8.07
N GLN A 664 -33.20 16.91 9.08
CA GLN A 664 -32.28 16.88 10.24
C GLN A 664 -32.47 15.64 11.12
N ASP A 665 -33.70 15.15 11.21
CA ASP A 665 -34.01 13.97 12.03
C ASP A 665 -33.46 12.68 11.43
N VAL A 666 -33.38 12.63 10.09
CA VAL A 666 -32.79 11.51 9.37
C VAL A 666 -31.26 11.54 9.48
N ARG A 667 -30.70 12.75 9.52
CA ARG A 667 -29.27 12.94 9.73
C ARG A 667 -28.86 12.44 11.11
N SER A 668 -29.70 12.73 12.11
CA SER A 668 -29.44 12.37 13.50
C SER A 668 -29.45 10.86 13.75
N TYR A 669 -30.36 10.16 13.09
CA TYR A 669 -30.47 8.71 13.26
C TYR A 669 -29.29 7.98 12.62
N VAL A 670 -29.03 8.31 11.36
CA VAL A 670 -27.99 7.67 10.55
C VAL A 670 -26.59 7.77 11.18
N ARG A 671 -26.35 8.89 11.88
CA ARG A 671 -25.06 9.18 12.49
C ARG A 671 -24.89 8.63 13.90
N GLN A 672 -25.99 8.26 14.55
CA GLN A 672 -25.96 7.79 15.95
C GLN A 672 -26.52 6.37 16.11
N LEU A 673 -26.00 5.43 15.32
CA LEU A 673 -26.47 4.05 15.32
C LEU A 673 -26.14 3.29 16.62
N ASN A 674 -27.06 2.44 17.03
CA ASN A 674 -26.86 1.53 18.15
C ASN A 674 -27.00 0.08 17.73
N VAL A 675 -25.89 -0.64 17.81
CA VAL A 675 -25.76 -1.91 17.14
C VAL A 675 -25.34 -3.01 18.12
N ILE A 676 -25.85 -4.22 17.87
CA ILE A 676 -25.34 -5.43 18.51
C ILE A 676 -24.27 -6.01 17.59
N ASP A 677 -23.06 -6.19 18.11
CA ASP A 677 -21.99 -6.84 17.34
C ASP A 677 -21.64 -8.22 17.91
N ASN A 678 -22.46 -8.70 18.83
CA ASN A 678 -22.30 -10.02 19.43
C ASN A 678 -23.07 -11.06 18.61
N GLN A 679 -22.36 -11.76 17.74
CA GLN A 679 -22.97 -12.75 16.84
C GLN A 679 -23.73 -13.84 17.58
N ARG A 680 -23.27 -14.21 18.78
CA ARG A 680 -23.96 -15.20 19.62
C ARG A 680 -25.33 -14.70 20.02
N THR A 681 -25.40 -13.45 20.47
CA THR A 681 -26.66 -12.84 20.88
C THR A 681 -27.61 -12.72 19.69
N LEU A 682 -27.06 -12.37 18.52
CA LEU A 682 -27.84 -12.20 17.31
C LEU A 682 -28.42 -13.52 16.79
N SER A 683 -27.68 -14.61 16.99
CA SER A 683 -28.16 -15.93 16.63
C SER A 683 -29.29 -16.38 17.56
N GLN A 684 -29.11 -16.15 18.87
CA GLN A 684 -30.11 -16.53 19.86
C GLN A 684 -31.43 -15.82 19.67
N MET A 685 -31.37 -14.53 19.32
CA MET A 685 -32.56 -13.74 19.04
C MET A 685 -33.28 -14.26 17.79
N SER A 686 -32.48 -14.59 16.77
CA SER A 686 -32.98 -15.16 15.51
C SER A 686 -33.63 -16.53 15.72
N HIS A 687 -33.06 -17.32 16.62
CA HIS A 687 -33.56 -18.66 16.90
C HIS A 687 -34.88 -18.67 17.66
N ARG A 688 -35.26 -17.55 18.26
CA ARG A 688 -36.54 -17.47 18.95
C ARG A 688 -37.57 -16.60 18.20
N LEU A 689 -37.18 -16.11 17.03
CA LEU A 689 -38.14 -15.51 16.10
C LEU A 689 -38.70 -16.62 15.20
N GLU A 690 -37.81 -17.49 14.73
CA GLU A 690 -38.16 -18.65 13.92
C GLU A 690 -37.29 -19.83 14.37
N PRO A 691 -37.84 -20.69 15.24
CA PRO A 691 -37.10 -21.78 15.90
C PRO A 691 -36.46 -22.80 14.96
N GLU B 3 -12.92 -26.39 -11.90
CA GLU B 3 -12.96 -25.20 -11.00
C GLU B 3 -13.08 -25.60 -9.53
N TYR B 4 -12.22 -25.02 -8.69
CA TYR B 4 -12.20 -25.30 -7.26
C TYR B 4 -11.99 -24.02 -6.46
N LYS B 5 -12.62 -23.95 -5.29
CA LYS B 5 -12.51 -22.79 -4.40
C LYS B 5 -12.07 -23.20 -3.00
N LEU B 6 -10.82 -22.90 -2.67
CA LEU B 6 -10.27 -23.21 -1.35
C LEU B 6 -10.13 -21.94 -0.53
N VAL B 7 -10.35 -22.05 0.79
CA VAL B 7 -10.34 -20.91 1.68
C VAL B 7 -9.28 -21.09 2.77
N VAL B 8 -8.49 -20.05 3.00
CA VAL B 8 -7.48 -20.07 4.06
C VAL B 8 -7.95 -19.23 5.25
N LEU B 9 -7.98 -19.85 6.43
CA LEU B 9 -8.52 -19.25 7.65
C LEU B 9 -7.57 -19.33 8.83
N GLY B 10 -7.76 -18.41 9.79
CA GLY B 10 -6.89 -18.33 10.97
C GLY B 10 -6.76 -16.91 11.46
N SER B 11 -6.15 -16.73 12.63
CA SER B 11 -5.94 -15.42 13.22
C SER B 11 -4.87 -14.64 12.46
N GLY B 12 -4.77 -13.34 12.71
CA GLY B 12 -3.73 -12.52 12.10
C GLY B 12 -2.35 -12.93 12.57
N GLY B 13 -1.34 -12.66 11.73
CA GLY B 13 0.05 -13.00 12.04
C GLY B 13 0.31 -14.50 12.07
N VAL B 14 -0.58 -15.26 11.44
CA VAL B 14 -0.51 -16.71 11.43
C VAL B 14 0.25 -17.19 10.18
N GLY B 15 0.32 -16.32 9.17
CA GLY B 15 1.04 -16.62 7.94
C GLY B 15 0.15 -16.94 6.77
N LYS B 16 -1.13 -16.58 6.86
CA LYS B 16 -2.11 -16.87 5.80
C LYS B 16 -1.66 -16.30 4.45
N SER B 17 -1.33 -15.01 4.43
CA SER B 17 -0.96 -14.32 3.19
C SER B 17 0.33 -14.88 2.59
N ALA B 18 1.30 -15.16 3.45
CA ALA B 18 2.58 -15.76 3.05
C ALA B 18 2.38 -17.09 2.34
N LEU B 19 1.54 -17.96 2.91
CA LEU B 19 1.21 -19.27 2.30
C LEU B 19 0.52 -19.13 0.95
N THR B 20 -0.42 -18.19 0.86
CA THR B 20 -1.24 -18.01 -0.34
C THR B 20 -0.40 -17.55 -1.52
N VAL B 21 0.50 -16.59 -1.26
CA VAL B 21 1.37 -16.06 -2.29
C VAL B 21 2.41 -17.11 -2.68
N GLN B 22 2.96 -17.78 -1.67
CA GLN B 22 3.93 -18.84 -1.86
C GLN B 22 3.38 -19.98 -2.70
N PHE B 23 2.08 -20.24 -2.58
CA PHE B 23 1.43 -21.25 -3.38
C PHE B 23 1.17 -20.78 -4.82
N VAL B 24 0.38 -19.72 -4.98
CA VAL B 24 -0.03 -19.28 -6.34
C VAL B 24 1.12 -18.83 -7.26
N GLN B 25 2.22 -18.36 -6.66
CA GLN B 25 3.28 -17.73 -7.44
C GLN B 25 4.66 -17.91 -6.79
N GLY B 26 4.85 -17.33 -5.62
CA GLY B 26 6.11 -17.42 -4.91
C GLY B 26 6.66 -16.03 -4.64
N ILE B 27 7.10 -15.81 -3.41
CA ILE B 27 7.67 -14.53 -2.98
C ILE B 27 9.06 -14.34 -3.59
N PHE B 28 9.41 -13.08 -3.85
CA PHE B 28 10.72 -12.66 -4.36
C PHE B 28 10.96 -12.99 -5.85
N VAL B 29 10.87 -14.27 -6.21
CA VAL B 29 11.13 -14.71 -7.59
C VAL B 29 10.38 -13.88 -8.62
N GLU B 30 9.06 -13.74 -8.42
CA GLU B 30 8.25 -12.84 -9.23
C GLU B 30 7.69 -11.76 -8.31
N LYS B 31 7.32 -10.62 -8.87
CA LYS B 31 6.57 -9.63 -8.11
C LYS B 31 5.14 -10.12 -8.00
N TYR B 32 4.45 -9.74 -6.93
CA TYR B 32 3.06 -10.16 -6.73
C TYR B 32 2.07 -9.02 -6.88
N ASP B 33 1.19 -9.15 -7.88
CA ASP B 33 0.11 -8.19 -8.10
C ASP B 33 -1.22 -8.83 -7.68
N PRO B 34 -1.83 -8.33 -6.59
CA PRO B 34 -3.05 -8.93 -6.08
C PRO B 34 -4.33 -8.31 -6.65
N THR B 35 -4.18 -7.46 -7.66
CA THR B 35 -5.31 -6.70 -8.19
C THR B 35 -5.77 -7.15 -9.58
N ILE B 36 -5.01 -8.04 -10.20
CA ILE B 36 -5.39 -8.61 -11.50
C ILE B 36 -6.17 -9.93 -11.37
N GLU B 37 -6.83 -10.34 -12.44
CA GLU B 37 -7.74 -11.51 -12.41
C GLU B 37 -7.12 -12.79 -11.86
N ASP B 38 -5.96 -13.19 -12.39
CA ASP B 38 -5.36 -14.48 -12.05
C ASP B 38 -4.45 -14.47 -10.81
N SER B 39 -4.71 -13.53 -9.90
CA SER B 39 -3.85 -13.32 -8.73
C SER B 39 -3.89 -14.47 -7.74
N TYR B 40 -5.06 -15.08 -7.59
CA TYR B 40 -5.27 -16.13 -6.60
C TYR B 40 -5.57 -17.49 -7.22
N ARG B 41 -5.54 -17.52 -8.56
CA ARG B 41 -5.84 -18.73 -9.32
C ARG B 41 -4.56 -19.40 -9.82
N LYS B 42 -4.39 -20.67 -9.49
CA LYS B 42 -3.31 -21.49 -10.03
C LYS B 42 -3.90 -22.65 -10.85
N GLN B 43 -3.04 -23.42 -11.50
CA GLN B 43 -3.43 -24.65 -12.17
C GLN B 43 -2.59 -25.82 -11.67
N VAL B 44 -3.27 -26.90 -11.29
CA VAL B 44 -2.60 -28.12 -10.84
C VAL B 44 -3.25 -29.35 -11.48
N GLN B 50 -5.62 -32.53 -12.43
CA GLN B 50 -5.19 -31.47 -13.34
C GLN B 50 -6.31 -30.43 -13.51
N CYS B 51 -6.34 -29.45 -12.60
CA CYS B 51 -7.48 -28.54 -12.46
C CYS B 51 -7.13 -27.16 -11.88
N MET B 52 -8.06 -26.22 -12.02
CA MET B 52 -7.90 -24.82 -11.63
C MET B 52 -8.40 -24.54 -10.21
N LEU B 53 -7.55 -23.92 -9.38
CA LEU B 53 -7.91 -23.56 -8.01
C LEU B 53 -7.89 -22.04 -7.82
N GLU B 54 -8.84 -21.52 -7.05
CA GLU B 54 -8.81 -20.12 -6.61
C GLU B 54 -8.76 -20.05 -5.08
N ILE B 55 -7.65 -19.54 -4.57
CA ILE B 55 -7.44 -19.45 -3.12
C ILE B 55 -8.09 -18.20 -2.55
N LEU B 56 -9.04 -18.39 -1.64
CA LEU B 56 -9.74 -17.30 -1.00
C LEU B 56 -9.21 -17.09 0.41
N ASP B 57 -8.44 -16.02 0.58
CA ASP B 57 -7.73 -15.78 1.82
C ASP B 57 -8.31 -14.61 2.60
N THR B 58 -8.52 -14.81 3.89
CA THR B 58 -9.10 -13.79 4.76
C THR B 58 -8.03 -12.87 5.38
N ALA B 59 -6.83 -12.92 4.82
CA ALA B 59 -5.71 -12.10 5.28
C ALA B 59 -5.96 -10.62 5.03
N GLY B 60 -5.69 -9.81 6.05
CA GLY B 60 -5.92 -8.36 5.97
C GLY B 60 -7.35 -7.96 6.29
N THR B 61 -8.28 -8.90 6.10
CA THR B 61 -9.71 -8.63 6.25
C THR B 61 -10.33 -9.30 7.48
N GLU B 62 -9.51 -9.56 8.50
CA GLU B 62 -9.95 -10.28 9.70
C GLU B 62 -10.98 -9.51 10.53
N GLN B 63 -10.88 -8.18 10.51
CA GLN B 63 -11.82 -7.33 11.26
C GLN B 63 -13.21 -7.29 10.64
N PHE B 64 -13.28 -7.52 9.33
CA PHE B 64 -14.57 -7.57 8.63
C PHE B 64 -15.00 -9.02 8.53
N THR B 65 -15.74 -9.49 9.53
CA THR B 65 -16.14 -10.92 9.59
C THR B 65 -17.24 -11.28 8.58
N ALA B 66 -17.75 -10.29 7.86
CA ALA B 66 -18.70 -10.52 6.77
C ALA B 66 -17.95 -11.03 5.54
N MET B 67 -16.69 -10.66 5.44
CA MET B 67 -15.80 -11.13 4.37
C MET B 67 -15.51 -12.61 4.54
N ARG B 68 -15.19 -12.99 5.77
CA ARG B 68 -14.94 -14.38 6.15
C ARG B 68 -16.13 -15.27 5.81
N ASP B 69 -17.33 -14.80 6.15
CA ASP B 69 -18.56 -15.55 5.90
C ASP B 69 -18.83 -15.74 4.41
N LEU B 70 -18.56 -14.69 3.63
CA LEU B 70 -18.74 -14.74 2.18
C LEU B 70 -17.79 -15.75 1.55
N TYR B 71 -16.55 -15.79 2.04
CA TYR B 71 -15.58 -16.76 1.57
C TYR B 71 -15.97 -18.18 1.99
N MET B 72 -16.43 -18.32 3.24
CA MET B 72 -16.91 -19.60 3.75
C MET B 72 -18.08 -20.15 2.92
N LYS B 73 -19.03 -19.28 2.59
CA LYS B 73 -20.18 -19.65 1.76
C LYS B 73 -19.74 -20.13 0.37
N ASN B 74 -18.80 -19.40 -0.24
CA ASN B 74 -18.33 -19.73 -1.58
C ASN B 74 -17.27 -20.83 -1.60
N GLY B 75 -16.73 -21.16 -0.43
CA GLY B 75 -15.67 -22.16 -0.30
C GLY B 75 -16.12 -23.60 -0.49
N GLN B 76 -15.14 -24.46 -0.78
CA GLN B 76 -15.36 -25.90 -0.94
C GLN B 76 -14.32 -26.67 -0.12
N GLY B 77 -13.21 -26.02 0.16
CA GLY B 77 -12.14 -26.59 0.98
C GLY B 77 -11.63 -25.54 1.95
N PHE B 78 -11.15 -25.97 3.11
CA PHE B 78 -10.81 -25.04 4.17
C PHE B 78 -9.48 -25.36 4.85
N ALA B 79 -8.57 -24.39 4.84
CA ALA B 79 -7.30 -24.51 5.54
C ALA B 79 -7.36 -23.71 6.84
N LEU B 80 -7.28 -24.42 7.96
CA LEU B 80 -7.34 -23.80 9.27
C LEU B 80 -5.93 -23.60 9.80
N VAL B 81 -5.34 -22.46 9.48
CA VAL B 81 -3.94 -22.24 9.78
C VAL B 81 -3.76 -21.67 11.18
N TYR B 82 -2.91 -22.32 11.96
CA TYR B 82 -2.45 -21.78 13.23
C TYR B 82 -0.93 -21.61 13.23
N SER B 83 -0.43 -20.76 14.11
CA SER B 83 1.00 -20.52 14.23
C SER B 83 1.52 -21.21 15.48
N ILE B 84 2.65 -21.90 15.34
CA ILE B 84 3.27 -22.58 16.48
C ILE B 84 4.09 -21.60 17.35
N THR B 85 4.16 -20.33 16.93
CA THR B 85 4.85 -19.29 17.69
C THR B 85 3.97 -18.78 18.83
N ALA B 86 2.65 -18.79 18.61
CA ALA B 86 1.70 -18.26 19.58
C ALA B 86 0.60 -19.27 19.92
N GLN B 87 0.35 -19.40 21.22
CA GLN B 87 -0.66 -20.31 21.77
C GLN B 87 -2.09 -19.95 21.35
N SER B 88 -2.40 -18.65 21.36
CA SER B 88 -3.73 -18.10 21.05
C SER B 88 -4.28 -18.67 19.76
N THR B 89 -3.48 -18.58 18.70
CA THR B 89 -3.85 -18.94 17.34
C THR B 89 -4.41 -20.36 17.15
N PHE B 90 -3.99 -21.30 17.99
CA PHE B 90 -4.51 -22.67 17.90
C PHE B 90 -5.93 -22.76 18.45
N ASN B 91 -6.16 -22.06 19.57
CA ASN B 91 -7.45 -22.02 20.23
C ASN B 91 -8.53 -21.43 19.34
N ASP B 92 -8.18 -20.35 18.63
CA ASP B 92 -9.13 -19.63 17.77
C ASP B 92 -9.72 -20.50 16.66
N LEU B 93 -9.12 -21.67 16.44
CA LEU B 93 -9.58 -22.61 15.41
C LEU B 93 -10.89 -23.32 15.77
N GLN B 94 -11.19 -23.42 17.07
CA GLN B 94 -12.44 -24.03 17.55
C GLN B 94 -13.67 -23.33 16.97
N ASP B 95 -13.64 -21.99 17.00
CA ASP B 95 -14.76 -21.15 16.59
C ASP B 95 -14.95 -21.14 15.08
N LEU B 96 -13.84 -21.03 14.35
CA LEU B 96 -13.84 -21.05 12.88
C LEU B 96 -14.34 -22.39 12.33
N ARG B 97 -13.98 -23.47 13.01
CA ARG B 97 -14.45 -24.82 12.69
C ARG B 97 -15.97 -24.90 12.78
N GLU B 98 -16.53 -24.34 13.84
CA GLU B 98 -17.98 -24.26 14.05
C GLU B 98 -18.63 -23.35 12.99
N GLN B 99 -18.06 -22.16 12.82
CA GLN B 99 -18.61 -21.13 11.93
C GLN B 99 -18.73 -21.59 10.48
N ILE B 100 -17.80 -22.42 10.03
CA ILE B 100 -17.86 -22.99 8.67
C ILE B 100 -19.15 -23.80 8.50
N LEU B 101 -19.42 -24.68 9.46
CA LEU B 101 -20.61 -25.54 9.45
C LEU B 101 -21.91 -24.74 9.47
N ARG B 102 -21.89 -23.59 10.15
CA ARG B 102 -23.06 -22.74 10.28
C ARG B 102 -23.45 -22.05 8.97
N VAL B 103 -22.46 -21.53 8.24
CA VAL B 103 -22.70 -20.84 6.97
C VAL B 103 -23.04 -21.82 5.84
N LYS B 104 -22.37 -22.98 5.85
CA LYS B 104 -22.57 -24.01 4.82
C LYS B 104 -23.88 -24.76 4.97
N ASP B 105 -24.32 -24.96 6.22
CA ASP B 105 -25.46 -25.82 6.56
C ASP B 105 -25.23 -27.28 6.17
N THR B 106 -24.07 -27.81 6.55
CA THR B 106 -23.73 -29.20 6.25
C THR B 106 -23.22 -29.91 7.50
N ASP B 107 -23.14 -31.23 7.43
CA ASP B 107 -22.60 -32.05 8.52
C ASP B 107 -21.07 -32.02 8.48
N ASP B 108 -20.51 -32.31 7.31
CA ASP B 108 -19.07 -32.36 7.12
C ASP B 108 -18.66 -31.62 5.86
N VAL B 109 -17.52 -30.95 5.92
CA VAL B 109 -16.94 -30.23 4.79
C VAL B 109 -15.45 -30.55 4.67
N PRO B 110 -14.96 -30.81 3.43
CA PRO B 110 -13.55 -31.08 3.20
C PRO B 110 -12.65 -29.98 3.74
N MET B 111 -11.86 -30.31 4.76
CA MET B 111 -10.96 -29.34 5.38
C MET B 111 -9.64 -29.95 5.85
N ILE B 112 -8.63 -29.09 6.02
CA ILE B 112 -7.31 -29.49 6.49
C ILE B 112 -6.80 -28.53 7.57
N LEU B 113 -6.15 -29.09 8.58
CA LEU B 113 -5.53 -28.29 9.62
C LEU B 113 -4.08 -28.04 9.26
N VAL B 114 -3.58 -26.84 9.58
CA VAL B 114 -2.23 -26.42 9.21
C VAL B 114 -1.53 -25.74 10.38
N GLY B 115 -0.33 -26.21 10.72
CA GLY B 115 0.47 -25.60 11.77
C GLY B 115 1.68 -24.86 11.21
N ASN B 116 1.44 -23.65 10.70
CA ASN B 116 2.46 -22.84 10.03
C ASN B 116 3.62 -22.41 10.93
N LYS B 117 4.68 -21.90 10.31
CA LYS B 117 5.88 -21.39 10.98
C LYS B 117 6.72 -22.48 11.68
N CYS B 118 6.64 -23.70 11.14
CA CYS B 118 7.32 -24.87 11.72
C CYS B 118 8.85 -24.81 11.60
N ASP B 119 9.35 -23.90 10.76
CA ASP B 119 10.79 -23.74 10.56
C ASP B 119 11.51 -23.20 11.80
N LEU B 120 10.87 -22.27 12.51
CA LEU B 120 11.45 -21.70 13.73
C LEU B 120 10.98 -22.46 14.96
N GLU B 121 11.91 -23.17 15.61
CA GLU B 121 11.58 -24.07 16.72
C GLU B 121 12.27 -23.71 18.04
N ASP B 122 12.96 -22.57 18.05
CA ASP B 122 13.48 -22.00 19.29
C ASP B 122 12.47 -21.00 19.89
N GLU B 123 11.30 -20.94 19.27
CA GLU B 123 10.19 -20.10 19.71
C GLU B 123 8.88 -20.88 19.78
N ARG B 124 8.93 -22.15 19.38
CA ARG B 124 7.76 -23.02 19.35
C ARG B 124 7.15 -23.22 20.74
N VAL B 125 5.86 -22.91 20.86
CA VAL B 125 5.12 -23.08 22.11
C VAL B 125 3.92 -24.01 21.93
N VAL B 126 3.87 -24.69 20.79
CA VAL B 126 2.75 -25.59 20.47
C VAL B 126 3.25 -26.99 20.09
N GLY B 127 2.66 -28.01 20.72
CA GLY B 127 2.99 -29.41 20.43
C GLY B 127 2.52 -29.85 19.06
N LYS B 128 3.01 -31.02 18.63
CA LYS B 128 2.78 -31.51 17.27
C LYS B 128 1.53 -32.38 17.11
N GLU B 129 1.16 -33.07 18.20
CA GLU B 129 0.08 -34.04 18.17
C GLU B 129 -1.30 -33.45 18.49
N GLN B 130 -1.30 -32.22 19.00
CA GLN B 130 -2.53 -31.51 19.37
C GLN B 130 -3.48 -31.35 18.18
N GLY B 131 -2.91 -31.10 17.00
CA GLY B 131 -3.68 -30.93 15.78
C GLY B 131 -4.22 -32.23 15.21
N GLN B 132 -3.52 -33.33 15.49
CA GLN B 132 -3.90 -34.65 14.99
C GLN B 132 -5.20 -35.18 15.62
N ASN B 133 -5.47 -34.76 16.86
CA ASN B 133 -6.69 -35.14 17.56
C ASN B 133 -7.92 -34.41 17.02
N LEU B 134 -7.72 -33.15 16.59
CA LEU B 134 -8.80 -32.33 16.04
C LEU B 134 -9.00 -32.59 14.55
N ALA B 142 -7.45 -34.55 8.22
CA ALA B 142 -6.19 -34.16 7.60
C ALA B 142 -5.40 -33.20 8.49
N PHE B 143 -4.09 -33.43 8.61
CA PHE B 143 -3.21 -32.54 9.37
C PHE B 143 -1.80 -32.46 8.79
N LEU B 144 -1.29 -31.23 8.71
CA LEU B 144 0.06 -30.91 8.25
C LEU B 144 0.70 -29.90 9.18
N GLU B 145 2.03 -29.93 9.28
CA GLU B 145 2.75 -28.90 10.00
C GLU B 145 3.67 -28.14 9.03
N SER B 146 3.07 -27.18 8.34
CA SER B 146 3.69 -26.47 7.22
C SER B 146 4.59 -25.28 7.60
N SER B 147 5.27 -24.72 6.59
CA SER B 147 6.03 -23.47 6.72
C SER B 147 6.06 -22.75 5.36
N ALA B 148 5.61 -21.50 5.35
CA ALA B 148 5.50 -20.73 4.11
C ALA B 148 6.84 -20.17 3.65
N LYS B 149 7.59 -19.57 4.58
CA LYS B 149 8.85 -18.93 4.23
C LYS B 149 9.99 -19.92 3.97
N SER B 150 9.80 -21.18 4.38
CA SER B 150 10.76 -22.24 4.12
C SER B 150 10.25 -23.25 3.10
N LYS B 151 9.11 -22.92 2.47
CA LYS B 151 8.52 -23.70 1.38
C LYS B 151 8.09 -25.13 1.77
N ILE B 152 8.12 -25.43 3.07
CA ILE B 152 7.72 -26.74 3.60
C ILE B 152 6.21 -26.97 3.52
N ASN B 153 5.82 -28.02 2.80
CA ASN B 153 4.42 -28.47 2.69
C ASN B 153 3.43 -27.50 2.05
N VAL B 154 3.93 -26.38 1.52
CA VAL B 154 3.09 -25.33 0.95
C VAL B 154 2.09 -25.87 -0.08
N ASN B 155 2.59 -26.65 -1.04
CA ASN B 155 1.73 -27.23 -2.08
C ASN B 155 0.87 -28.39 -1.56
N GLU B 156 1.46 -29.17 -0.64
CA GLU B 156 0.80 -30.33 -0.03
C GLU B 156 -0.56 -29.96 0.58
N ILE B 157 -0.62 -28.80 1.22
CA ILE B 157 -1.85 -28.26 1.81
C ILE B 157 -3.01 -28.28 0.83
N PHE B 158 -2.78 -27.72 -0.35
CA PHE B 158 -3.85 -27.53 -1.33
C PHE B 158 -4.06 -28.75 -2.25
N TYR B 159 -3.16 -29.73 -2.15
CA TYR B 159 -3.39 -31.04 -2.80
C TYR B 159 -4.47 -31.81 -2.05
N ASP B 160 -4.34 -31.84 -0.73
CA ASP B 160 -5.30 -32.48 0.18
C ASP B 160 -6.75 -32.15 -0.13
N LEU B 161 -7.05 -30.87 -0.27
CA LEU B 161 -8.42 -30.38 -0.40
C LEU B 161 -9.11 -30.81 -1.70
N VAL B 162 -8.33 -30.94 -2.78
CA VAL B 162 -8.89 -31.36 -4.08
C VAL B 162 -9.18 -32.87 -4.08
N ARG B 163 -8.38 -33.62 -3.33
CA ARG B 163 -8.62 -35.05 -3.10
C ARG B 163 -9.95 -35.27 -2.39
N GLN B 164 -10.22 -34.44 -1.38
CA GLN B 164 -11.45 -34.49 -0.60
C GLN B 164 -12.57 -33.68 -1.26
#